data_4ANW
#
_entry.id   4ANW
#
_cell.length_a   143.424
_cell.length_b   68.531
_cell.length_c   106.263
_cell.angle_alpha   90.00
_cell.angle_beta   95.26
_cell.angle_gamma   90.00
#
_symmetry.space_group_name_H-M   'C 1 2 1'
#
loop_
_entity.id
_entity.type
_entity.pdbx_description
1 polymer 'PHOSPHATIDYLINOSITOL-4,5-BISPHOSPHATE 3-KINASE CATALYTIC SUBUNIT GAMMA ISOFORM'
2 non-polymer 'SULFATE ION'
3 non-polymer 3-AMINO-6-{4-CHLORO-3-[(2,3-DIFLUOROPHENYL)SULFAMOYL]PHENYL}-N-METHYLPYRAZINE-2-CARBOXAMIDE
4 water water
#
_entity_poly.entity_id   1
_entity_poly.type   'polypeptide(L)'
_entity_poly.pdbx_seq_one_letter_code
;MLLGSSEESQAFQRQLTALIGYDVTDVSNVHDDELEFTRRGLVTPRMAEVASRDPKLYAMHPWVTSKPLPEYLWKKIANN
CIFIVIHRSTTSQTIKVSPDDTPGAILQSFFTKMAKKKSLMDIPESQSEQDFVLRVCGRDEYLVGETPIKNFQWVRHCLK
NGEEIHVVLDTPPDPALDEVRKEEWPLVDDCTGVTGYHEQLTIHGKDHESVFTVSLWDCDRKFRVKIRGIDIPVLPRNTD
LTVFVEANIQHGQQVLCQRRTSPKPFTEEVLWNVWLEFSIKIKDLPKGALLNLQIYCGKAPALSSKASAESPSSESKGKV
QLLYYVNLLLIDHRFLLRRGEYVLHMWQISGKGEDQGSFNADKLTSATNPDKENSMSISILLDNYCHPIALPKHQPTPDP
EGDRVRAEMPNQLRKQLEAIIATDPLNPLTAEDKELLWHFRYESLKHPKAYPKLFSSVKWGQQEIVAKTYQLLARREVWD
QSALDVGLTMQLLDCNFSDENVRAIAVQKLESLEDDDVLHYLLQLVQAVKFEPYHDSALARFLLKRGLRNKRIGHFLFWF
LRSEIAQSRHYQQRFAVILEAYLRGCGTAMLHDFTQQVQVIEMLQKVTLDIKSLSAEKYDVSSQVISQLKQKLENLQNSQ
LPESFRVPYDPGLKAGALAIEKCKVMASKKKPLWLEFKCADPTALSNETIGIIFKHGDDLRQDMLILQILRIMESIWETE
SLDLCLLPYGCISTGDKIGMIEIVKDATTIAKIQQSTVGNTGAFKDEVLNHWLKEKSPTEEKFQAAVERFVYSCAGYCVA
TFVLGIGDRHNDNIMITETGNLFHIDFGHILGNYKSFLGINKERVPFVLTPDFLFVMGTSGKKTSPHFQKFQDICVKAYL
ALRHHTNLLIILFSMMLMTGMPQLTSKEDIEYIRDALTVGKNEEDAKKYFLDQIEVCRDKGWTVQFNWFLHLVLGIKQGE
KHSAEFGLVPRGSGHHHHHH
;
_entity_poly.pdbx_strand_id   A
#
loop_
_chem_comp.id
_chem_comp.type
_chem_comp.name
_chem_comp.formula
O92 non-polymer 3-AMINO-6-{4-CHLORO-3-[(2,3-DIFLUOROPHENYL)SULFAMOYL]PHENYL}-N-METHYLPYRAZINE-2-CARBOXAMIDE 'C18 H14 Cl F2 N5 O3 S'
SO4 non-polymer 'SULFATE ION' 'O4 S -2'
#
# COMPACT_ATOMS: atom_id res chain seq x y z
N SER A 5 -35.65 7.15 9.90
CA SER A 5 -34.75 8.34 10.04
C SER A 5 -35.24 9.29 11.13
N SER A 6 -34.55 9.26 12.27
CA SER A 6 -34.78 10.17 13.40
C SER A 6 -33.72 11.29 13.42
N GLU A 7 -33.19 11.64 14.60
CA GLU A 7 -32.15 12.69 14.68
C GLU A 7 -31.21 12.70 15.93
N GLU A 8 -30.52 11.63 16.35
CA GLU A 8 -30.55 10.23 15.85
C GLU A 8 -30.43 10.03 14.33
N SER A 9 -30.07 8.81 13.93
CA SER A 9 -29.95 8.42 12.51
C SER A 9 -29.09 9.42 11.72
N GLN A 10 -29.62 10.63 11.58
CA GLN A 10 -28.98 11.76 10.88
C GLN A 10 -27.88 12.44 11.69
N ALA A 11 -28.09 12.57 13.00
CA ALA A 11 -27.06 13.11 13.90
C ALA A 11 -25.74 12.35 13.74
N PHE A 12 -25.86 11.03 13.84
CA PHE A 12 -24.78 10.03 13.71
C PHE A 12 -24.10 10.04 12.33
N GLN A 13 -24.92 10.14 11.29
CA GLN A 13 -24.49 10.20 9.91
C GLN A 13 -23.67 11.47 9.63
N ARG A 14 -23.80 12.49 10.47
CA ARG A 14 -23.06 13.74 10.27
C ARG A 14 -21.64 13.57 10.78
N GLN A 15 -21.51 12.70 11.78
CA GLN A 15 -20.25 12.33 12.38
C GLN A 15 -19.42 11.48 11.36
N LEU A 16 -20.07 10.45 10.81
CA LEU A 16 -19.53 9.62 9.74
C LEU A 16 -18.94 10.42 8.58
N THR A 17 -19.68 11.42 8.09
CA THR A 17 -19.26 12.27 6.98
C THR A 17 -17.94 12.96 7.24
N ALA A 18 -17.70 13.33 8.49
CA ALA A 18 -16.49 14.07 8.88
C ALA A 18 -15.35 13.10 9.14
N LEU A 19 -15.69 11.89 9.56
CA LEU A 19 -14.71 10.81 9.64
C LEU A 19 -14.20 10.35 8.27
N ILE A 20 -15.15 10.24 7.33
CA ILE A 20 -14.89 9.90 5.92
C ILE A 20 -14.28 11.01 5.08
N GLY A 21 -14.88 12.21 5.19
CA GLY A 21 -14.46 13.39 4.39
C GLY A 21 -15.22 13.45 3.10
N TYR A 22 -16.32 12.71 3.06
CA TYR A 22 -17.21 12.66 1.91
C TYR A 22 -18.59 12.33 2.42
N ASP A 23 -19.57 12.89 1.74
CA ASP A 23 -20.98 12.71 2.02
C ASP A 23 -21.61 11.59 1.13
N VAL A 24 -21.74 10.39 1.70
CA VAL A 24 -22.20 9.21 0.95
C VAL A 24 -23.70 9.26 0.61
N THR A 25 -24.46 10.14 1.25
CA THR A 25 -25.87 10.31 0.90
C THR A 25 -26.08 11.27 -0.28
N ASP A 26 -25.03 11.98 -0.69
CA ASP A 26 -25.13 12.88 -1.84
C ASP A 26 -25.24 12.12 -3.17
N VAL A 27 -26.24 12.49 -3.97
CA VAL A 27 -26.70 11.67 -5.10
C VAL A 27 -26.80 12.57 -6.30
N SER A 28 -25.93 13.58 -6.32
CA SER A 28 -25.90 14.59 -7.36
C SER A 28 -24.84 14.35 -8.41
N ASN A 29 -24.04 13.29 -8.20
CA ASN A 29 -23.05 12.89 -9.20
C ASN A 29 -23.20 11.40 -9.47
N VAL A 30 -24.42 10.99 -9.71
CA VAL A 30 -24.71 9.60 -9.94
C VAL A 30 -25.74 9.63 -11.03
N HIS A 31 -25.88 8.55 -11.76
CA HIS A 31 -26.87 8.50 -12.80
C HIS A 31 -27.52 7.20 -12.67
N ASP A 32 -27.38 6.54 -11.53
CA ASP A 32 -28.09 5.32 -11.27
C ASP A 32 -28.02 5.02 -9.81
N ASP A 33 -28.56 3.87 -9.45
CA ASP A 33 -28.69 3.38 -8.07
C ASP A 33 -27.47 2.77 -7.32
N GLU A 34 -26.35 2.53 -8.01
CA GLU A 34 -25.37 1.49 -7.55
C GLU A 34 -24.83 1.67 -6.17
N LEU A 35 -24.32 2.88 -5.91
CA LEU A 35 -23.80 3.28 -4.59
C LEU A 35 -24.75 3.07 -3.40
N GLU A 36 -26.00 3.44 -3.55
CA GLU A 36 -26.97 3.27 -2.46
C GLU A 36 -27.30 1.77 -2.32
N PHE A 37 -27.35 1.08 -3.45
CA PHE A 37 -27.49 -0.36 -3.50
C PHE A 37 -26.32 -1.11 -2.76
N THR A 38 -25.14 -0.50 -2.75
CA THR A 38 -23.98 -1.03 -2.01
C THR A 38 -24.04 -0.71 -0.52
N ARG A 39 -24.55 0.47 -0.17
CA ARG A 39 -24.69 0.80 1.23
C ARG A 39 -25.58 -0.26 1.87
N ARG A 40 -26.67 -0.64 1.19
CA ARG A 40 -27.63 -1.59 1.74
C ARG A 40 -27.10 -3.00 1.65
N GLY A 41 -26.46 -3.32 0.54
CA GLY A 41 -25.77 -4.63 0.41
C GLY A 41 -24.71 -4.90 1.47
N LEU A 42 -23.90 -3.91 1.82
CA LEU A 42 -22.86 -4.06 2.85
C LEU A 42 -23.39 -4.21 4.31
N VAL A 43 -24.70 -4.06 4.50
CA VAL A 43 -25.30 -4.16 5.84
C VAL A 43 -25.16 -5.56 6.41
N THR A 44 -25.44 -6.54 5.57
CA THR A 44 -25.40 -7.97 5.92
C THR A 44 -24.02 -8.56 6.26
N PRO A 45 -23.05 -8.39 5.35
CA PRO A 45 -21.71 -8.80 5.72
C PRO A 45 -21.16 -8.13 7.01
N ARG A 46 -21.39 -6.83 7.16
CA ARG A 46 -21.01 -6.14 8.40
C ARG A 46 -21.57 -6.77 9.67
N MET A 47 -22.88 -6.89 9.68
CA MET A 47 -23.62 -7.37 10.86
C MET A 47 -23.24 -8.76 11.24
N ALA A 48 -23.01 -9.57 10.21
CA ALA A 48 -22.53 -10.94 10.33
C ALA A 48 -21.19 -11.05 11.04
N GLU A 49 -20.38 -10.00 10.92
CA GLU A 49 -18.98 -10.02 11.38
C GLU A 49 -18.96 -9.41 12.75
N VAL A 50 -19.80 -8.40 12.95
CA VAL A 50 -20.09 -7.90 14.31
C VAL A 50 -20.69 -9.00 15.21
N ALA A 51 -21.79 -9.58 14.75
CA ALA A 51 -22.48 -10.61 15.48
C ALA A 51 -21.53 -11.76 15.80
N SER A 52 -20.59 -12.02 14.91
CA SER A 52 -19.78 -13.24 15.01
C SER A 52 -18.46 -13.12 15.77
N ARG A 53 -18.03 -11.89 16.07
CA ARG A 53 -16.69 -11.67 16.60
C ARG A 53 -16.65 -11.76 18.12
N ASP A 54 -15.49 -12.25 18.63
CA ASP A 54 -15.18 -12.41 20.06
C ASP A 54 -14.95 -11.06 20.76
N PRO A 55 -15.85 -10.65 21.67
CA PRO A 55 -15.75 -9.33 22.30
C PRO A 55 -14.43 -8.94 23.00
N LYS A 56 -13.76 -9.92 23.61
CA LYS A 56 -12.58 -9.63 24.44
C LYS A 56 -11.25 -9.78 23.68
N LEU A 57 -11.23 -10.64 22.67
CA LEU A 57 -10.10 -10.67 21.75
C LEU A 57 -10.14 -9.46 20.77
N TYR A 58 -11.35 -9.01 20.48
CA TYR A 58 -11.56 -7.80 19.69
C TYR A 58 -11.12 -6.52 20.42
N ALA A 59 -11.42 -6.46 21.71
CA ALA A 59 -11.09 -5.31 22.55
C ALA A 59 -9.58 -5.20 22.80
N MET A 60 -8.93 -6.35 22.80
CA MET A 60 -7.50 -6.49 23.05
C MET A 60 -6.60 -6.87 21.83
N HIS A 61 -7.21 -7.18 20.70
CA HIS A 61 -6.46 -7.30 19.45
C HIS A 61 -4.99 -7.75 19.61
N PRO A 62 -4.76 -8.91 20.22
CA PRO A 62 -3.36 -9.35 20.19
C PRO A 62 -2.84 -9.31 18.77
N TRP A 63 -1.56 -9.03 18.58
CA TRP A 63 -0.93 -9.03 17.26
C TRP A 63 -0.01 -10.18 17.31
N VAL A 64 -0.36 -11.23 16.61
CA VAL A 64 0.37 -12.52 16.70
C VAL A 64 0.70 -13.03 15.32
N THR A 65 1.47 -14.10 15.26
CA THR A 65 1.81 -14.79 14.00
C THR A 65 1.87 -16.32 14.24
N SER A 66 1.48 -17.08 13.23
CA SER A 66 1.57 -18.50 13.25
C SER A 66 2.92 -18.92 12.67
N LYS A 67 3.75 -17.95 12.30
CA LYS A 67 4.98 -18.26 11.55
C LYS A 67 6.12 -18.73 12.43
N PRO A 68 7.05 -19.50 11.85
CA PRO A 68 8.13 -19.98 12.69
C PRO A 68 9.01 -18.80 13.17
N LEU A 69 9.58 -18.90 14.36
CA LEU A 69 10.40 -17.85 14.89
C LEU A 69 11.78 -17.96 14.24
N PRO A 70 12.24 -16.91 13.52
CA PRO A 70 13.38 -17.09 12.59
C PRO A 70 14.68 -17.64 13.21
N GLU A 71 15.60 -18.17 12.37
CA GLU A 71 16.95 -18.66 12.83
C GLU A 71 17.70 -17.60 13.67
N TYR A 72 17.78 -16.38 13.13
CA TYR A 72 18.19 -15.19 13.89
C TYR A 72 17.02 -14.90 14.79
N LEU A 73 17.23 -14.72 16.07
CA LEU A 73 16.12 -14.55 17.03
C LEU A 73 16.05 -15.75 18.01
N TRP A 74 16.01 -16.99 17.50
CA TRP A 74 16.27 -18.20 18.34
C TRP A 74 17.70 -18.06 18.82
N LYS A 75 18.60 -17.78 17.86
CA LYS A 75 20.01 -17.47 18.15
C LYS A 75 20.23 -16.26 19.08
N LYS A 76 19.14 -15.78 19.68
CA LYS A 76 19.13 -14.63 20.58
C LYS A 76 18.44 -15.09 21.88
N ILE A 77 17.96 -16.33 21.86
CA ILE A 77 17.56 -17.06 23.06
C ILE A 77 18.72 -18.00 23.42
N ALA A 78 19.24 -17.85 24.64
CA ALA A 78 20.40 -18.63 25.11
C ALA A 78 19.97 -20.05 25.51
N ASN A 79 19.24 -20.14 26.63
CA ASN A 79 18.97 -21.43 27.27
C ASN A 79 17.47 -21.73 27.29
N ASN A 80 16.84 -21.71 26.11
CA ASN A 80 15.37 -21.90 25.96
C ASN A 80 14.61 -21.06 26.99
N CYS A 81 15.07 -19.81 27.12
CA CYS A 81 14.69 -18.94 28.22
C CYS A 81 14.49 -17.48 27.77
N ILE A 82 13.30 -16.94 28.08
CA ILE A 82 12.91 -15.56 27.70
C ILE A 82 12.51 -14.80 28.95
N PHE A 83 13.21 -13.69 29.22
CA PHE A 83 12.92 -12.87 30.40
C PHE A 83 11.89 -11.77 30.11
N ILE A 84 10.88 -11.75 30.96
CA ILE A 84 9.75 -10.80 30.88
C ILE A 84 9.69 -10.04 32.19
N VAL A 85 9.49 -8.73 32.11
CA VAL A 85 9.51 -7.90 33.30
C VAL A 85 8.13 -7.30 33.57
N ILE A 86 7.36 -7.94 34.45
CA ILE A 86 6.08 -7.36 34.92
C ILE A 86 6.26 -6.08 35.78
N HIS A 87 5.17 -5.34 35.99
CA HIS A 87 5.15 -4.03 36.66
C HIS A 87 3.75 -3.86 37.27
N ARG A 88 3.65 -3.40 38.52
CA ARG A 88 2.30 -3.23 39.13
C ARG A 88 1.91 -1.84 39.62
N SER A 89 2.80 -1.11 40.29
CA SER A 89 2.53 0.31 40.61
C SER A 89 3.81 1.13 40.72
N THR A 90 4.63 0.76 41.68
CA THR A 90 6.03 1.21 41.81
C THR A 90 6.95 -0.03 41.76
N THR A 91 6.34 -1.20 41.98
CA THR A 91 6.99 -2.50 41.90
C THR A 91 7.23 -3.00 40.45
N SER A 92 8.28 -3.79 40.28
CA SER A 92 8.54 -4.49 39.02
C SER A 92 8.67 -6.01 39.24
N GLN A 93 9.88 -6.54 39.05
CA GLN A 93 10.23 -7.99 39.14
C GLN A 93 10.21 -8.71 37.79
N THR A 94 11.38 -9.20 37.36
CA THR A 94 11.54 -10.06 36.17
C THR A 94 10.80 -11.41 36.36
N ILE A 95 10.70 -12.19 35.27
CA ILE A 95 10.28 -13.62 35.26
C ILE A 95 10.89 -14.41 34.09
N LYS A 96 11.83 -15.30 34.41
CA LYS A 96 12.36 -16.28 33.46
C LYS A 96 11.18 -17.11 32.91
N VAL A 97 11.22 -17.41 31.62
CA VAL A 97 10.06 -17.94 30.88
C VAL A 97 10.50 -18.66 29.61
N SER A 98 9.69 -19.60 29.17
CA SER A 98 10.00 -20.43 28.00
C SER A 98 9.27 -19.96 26.71
N PRO A 99 9.93 -20.11 25.55
CA PRO A 99 9.33 -19.72 24.26
C PRO A 99 7.86 -20.10 24.06
N ASP A 100 7.48 -21.34 24.40
CA ASP A 100 6.11 -21.83 24.16
C ASP A 100 5.12 -21.48 25.26
N ASP A 101 5.55 -20.74 26.27
CA ASP A 101 4.68 -20.39 27.39
C ASP A 101 3.56 -19.41 26.98
N THR A 102 2.33 -19.92 26.86
CA THR A 102 1.12 -19.08 26.71
C THR A 102 1.08 -17.96 27.78
N PRO A 103 0.61 -16.74 27.44
CA PRO A 103 0.53 -15.68 28.47
C PRO A 103 -0.28 -16.01 29.72
N GLY A 104 -1.23 -16.95 29.61
CA GLY A 104 -2.01 -17.42 30.78
C GLY A 104 -1.11 -18.18 31.76
N ALA A 105 -0.32 -19.11 31.22
CA ALA A 105 0.72 -19.86 31.97
C ALA A 105 1.75 -18.95 32.65
N ILE A 106 2.20 -17.93 31.93
CA ILE A 106 3.16 -16.95 32.46
C ILE A 106 2.57 -16.16 33.60
N LEU A 107 1.28 -15.87 33.53
CA LEU A 107 0.62 -14.98 34.50
C LEU A 107 0.53 -15.63 35.90
N GLN A 108 0.30 -16.94 35.91
CA GLN A 108 0.25 -17.72 37.14
C GLN A 108 1.68 -18.12 37.56
N SER A 109 2.56 -18.40 36.61
CA SER A 109 4.00 -18.57 36.90
C SER A 109 4.57 -17.23 37.43
N PHE A 110 3.78 -16.64 38.34
CA PHE A 110 3.95 -15.27 38.86
C PHE A 110 3.09 -15.15 40.13
N PHE A 111 1.84 -15.62 40.06
CA PHE A 111 0.99 -15.78 41.26
C PHE A 111 1.47 -16.90 42.18
N THR A 112 2.03 -17.95 41.57
CA THR A 112 2.71 -19.01 42.28
C THR A 112 4.10 -18.54 42.70
N LYS A 113 4.61 -17.51 42.03
CA LYS A 113 5.88 -16.88 42.42
C LYS A 113 5.63 -15.78 43.46
N MET A 114 5.53 -16.21 44.72
CA MET A 114 5.37 -15.30 45.86
C MET A 114 6.32 -15.71 47.00
N GLU A 129 -7.93 -14.27 41.74
CA GLU A 129 -8.83 -13.68 40.76
C GLU A 129 -8.26 -13.82 39.33
N GLN A 130 -9.08 -13.46 38.35
CA GLN A 130 -8.80 -13.69 36.91
C GLN A 130 -8.51 -12.41 36.11
N ASP A 131 -9.13 -11.30 36.52
CA ASP A 131 -9.35 -10.13 35.65
C ASP A 131 -8.14 -9.17 35.61
N PHE A 132 -7.00 -9.70 35.18
CA PHE A 132 -5.78 -8.93 35.00
C PHE A 132 -5.10 -9.39 33.72
N VAL A 133 -4.65 -8.42 32.90
CA VAL A 133 -4.06 -8.71 31.57
C VAL A 133 -2.61 -8.30 31.44
N LEU A 134 -1.85 -9.05 30.65
CA LEU A 134 -0.43 -8.77 30.46
C LEU A 134 -0.21 -7.75 29.32
N ARG A 135 -0.52 -6.49 29.61
CA ARG A 135 -0.39 -5.35 28.70
C ARG A 135 1.07 -4.89 28.51
N VAL A 136 1.36 -4.16 27.44
CA VAL A 136 2.70 -3.61 27.24
C VAL A 136 2.84 -2.15 27.74
N CYS A 137 4.02 -1.87 28.29
CA CYS A 137 4.37 -0.54 28.78
C CYS A 137 4.61 0.42 27.61
N GLY A 138 3.91 1.56 27.64
CA GLY A 138 3.99 2.60 26.58
C GLY A 138 2.87 2.59 25.55
N ARG A 139 2.09 1.51 25.55
CA ARG A 139 1.32 1.05 24.37
C ARG A 139 -0.05 0.47 24.70
N ASP A 140 -1.00 0.62 23.78
CA ASP A 140 -2.25 -0.15 23.86
C ASP A 140 -2.03 -1.50 23.19
N GLU A 141 -1.28 -2.37 23.86
CA GLU A 141 -0.81 -3.61 23.24
C GLU A 141 -0.77 -4.73 24.27
N TYR A 142 -1.65 -5.71 24.09
CA TYR A 142 -1.80 -6.79 25.03
C TYR A 142 -1.10 -8.07 24.56
N LEU A 143 -0.45 -8.71 25.53
CA LEU A 143 -0.05 -10.11 25.42
C LEU A 143 -1.13 -10.98 26.12
N VAL A 144 -2.05 -11.50 25.29
CA VAL A 144 -3.27 -12.22 25.70
C VAL A 144 -3.65 -13.30 24.67
N GLY A 145 -4.68 -14.11 24.97
CA GLY A 145 -5.10 -15.23 24.13
C GLY A 145 -4.12 -16.38 24.18
N GLU A 146 -4.42 -17.45 23.44
CA GLU A 146 -3.63 -18.68 23.55
C GLU A 146 -2.53 -18.76 22.51
N THR A 147 -1.49 -17.94 22.66
CA THR A 147 -0.35 -18.02 21.69
C THR A 147 0.95 -18.21 22.47
N PRO A 148 1.88 -19.03 21.97
CA PRO A 148 3.18 -18.99 22.64
C PRO A 148 3.81 -17.58 22.61
N ILE A 149 4.05 -16.94 23.75
CA ILE A 149 4.70 -15.60 23.76
C ILE A 149 5.66 -15.35 22.60
N LYS A 150 6.49 -16.30 22.23
CA LYS A 150 7.41 -16.10 21.11
C LYS A 150 6.73 -15.76 19.76
N ASN A 151 5.38 -15.85 19.73
CA ASN A 151 4.54 -15.75 18.53
C ASN A 151 3.65 -14.49 18.56
N PHE A 152 3.88 -13.64 19.57
CA PHE A 152 3.40 -12.27 19.60
C PHE A 152 4.42 -11.35 18.91
N GLN A 153 3.94 -10.28 18.28
CA GLN A 153 4.84 -9.49 17.44
C GLN A 153 5.67 -8.49 18.27
N TRP A 154 5.08 -7.94 19.32
CA TRP A 154 5.83 -7.11 20.27
C TRP A 154 7.04 -7.82 20.88
N VAL A 155 6.83 -9.10 21.23
CA VAL A 155 7.90 -9.98 21.72
C VAL A 155 9.02 -10.14 20.70
N ARG A 156 8.65 -10.43 19.46
CA ARG A 156 9.64 -10.54 18.37
C ARG A 156 10.31 -9.18 18.04
N HIS A 157 9.59 -8.08 18.22
CA HIS A 157 10.20 -6.77 18.03
C HIS A 157 11.34 -6.56 19.02
N CYS A 158 11.09 -6.97 20.27
CA CYS A 158 12.06 -6.90 21.37
C CYS A 158 13.28 -7.79 21.22
N LEU A 159 13.11 -8.99 20.69
CA LEU A 159 14.27 -9.85 20.38
C LEU A 159 15.15 -9.29 19.26
N LYS A 160 14.54 -9.02 18.10
CA LYS A 160 15.29 -8.48 16.94
C LYS A 160 16.13 -7.26 17.33
N ASN A 161 15.59 -6.44 18.25
CA ASN A 161 16.08 -5.10 18.56
C ASN A 161 16.99 -4.99 19.79
N GLY A 162 17.37 -6.14 20.35
CA GLY A 162 18.25 -6.22 21.51
C GLY A 162 17.61 -5.87 22.84
N GLU A 163 16.31 -5.58 22.83
CA GLU A 163 15.69 -4.96 24.03
C GLU A 163 14.77 -5.87 24.84
N GLU A 164 14.58 -5.43 26.08
CA GLU A 164 13.88 -6.18 27.11
C GLU A 164 12.39 -5.95 26.97
N ILE A 165 11.60 -6.96 27.34
CA ILE A 165 10.15 -6.95 27.24
C ILE A 165 9.59 -6.39 28.52
N HIS A 166 8.85 -5.29 28.47
CA HIS A 166 8.24 -4.78 29.70
C HIS A 166 6.70 -4.75 29.63
N VAL A 167 6.06 -5.40 30.58
CA VAL A 167 4.61 -5.52 30.60
C VAL A 167 3.99 -5.10 31.94
N VAL A 168 2.98 -4.23 31.89
CA VAL A 168 2.22 -3.84 33.09
C VAL A 168 1.18 -4.92 33.35
N LEU A 169 0.70 -4.97 34.59
CA LEU A 169 -0.39 -5.86 34.98
C LEU A 169 -1.60 -4.99 35.32
N ASP A 170 -2.68 -5.10 34.54
CA ASP A 170 -3.94 -4.35 34.82
C ASP A 170 -5.23 -4.97 34.26
N THR A 171 -6.31 -4.20 34.35
CA THR A 171 -7.66 -4.66 34.02
C THR A 171 -7.83 -4.85 32.50
N PRO A 172 -8.45 -5.97 32.06
CA PRO A 172 -8.77 -6.17 30.66
C PRO A 172 -9.85 -5.20 30.19
N PRO A 173 -9.55 -4.42 29.12
CA PRO A 173 -10.43 -3.37 28.62
C PRO A 173 -11.87 -3.84 28.45
N ASP A 174 -12.80 -2.97 28.83
CA ASP A 174 -14.21 -3.27 28.84
C ASP A 174 -14.68 -3.38 27.39
N PRO A 175 -15.11 -4.60 26.97
CA PRO A 175 -15.68 -4.87 25.65
C PRO A 175 -16.99 -4.15 25.37
N ALA A 176 -17.56 -3.57 26.43
CA ALA A 176 -18.81 -2.82 26.34
C ALA A 176 -18.59 -1.48 25.65
N LEU A 177 -17.35 -1.01 25.64
CA LEU A 177 -16.98 0.28 25.01
C LEU A 177 -16.99 0.20 23.48
N ASP A 178 -16.65 -1.00 22.99
CA ASP A 178 -16.68 -1.37 21.56
C ASP A 178 -18.07 -1.70 21.04
N GLU A 179 -19.08 -1.11 21.66
CA GLU A 179 -20.43 -1.51 21.38
C GLU A 179 -20.92 -0.85 20.10
N VAL A 180 -21.47 -1.68 19.23
CA VAL A 180 -21.93 -1.22 17.95
C VAL A 180 -23.38 -0.79 18.11
N ARG A 181 -23.64 0.40 17.55
CA ARG A 181 -24.94 1.05 17.52
C ARG A 181 -26.01 0.22 16.77
N LYS A 182 -27.25 0.34 17.24
CA LYS A 182 -28.40 -0.28 16.57
C LYS A 182 -28.67 0.39 15.22
N GLU A 183 -28.81 -0.44 14.18
CA GLU A 183 -28.97 0.03 12.80
C GLU A 183 -30.43 -0.03 12.37
N CYS A 219 -31.58 -11.81 -26.72
CA CYS A 219 -31.68 -10.92 -27.85
C CYS A 219 -30.50 -11.00 -28.84
N ASP A 220 -30.83 -11.27 -30.09
CA ASP A 220 -29.82 -11.43 -31.14
C ASP A 220 -29.47 -10.18 -31.92
N ARG A 221 -30.10 -9.06 -31.58
CA ARG A 221 -29.76 -7.82 -32.26
C ARG A 221 -28.33 -7.43 -31.88
N LYS A 222 -27.61 -6.82 -32.81
CA LYS A 222 -26.32 -6.23 -32.51
C LYS A 222 -26.49 -5.00 -31.60
N PHE A 223 -25.49 -4.81 -30.73
CA PHE A 223 -25.48 -3.71 -29.80
C PHE A 223 -25.17 -2.45 -30.59
N ARG A 224 -25.90 -1.37 -30.29
CA ARG A 224 -25.55 -0.03 -30.76
C ARG A 224 -25.75 1.05 -29.74
N VAL A 225 -24.94 2.10 -29.90
CA VAL A 225 -25.10 3.30 -29.10
C VAL A 225 -25.29 4.50 -30.03
N LYS A 226 -26.19 5.41 -29.65
CA LYS A 226 -26.25 6.72 -30.31
C LYS A 226 -25.37 7.69 -29.55
N ILE A 227 -24.44 8.29 -30.30
CA ILE A 227 -23.67 9.43 -29.90
C ILE A 227 -24.34 10.77 -30.34
N ARG A 228 -25.07 11.39 -29.40
CA ARG A 228 -25.74 12.70 -29.60
C ARG A 228 -24.77 13.85 -29.83
N GLY A 229 -23.89 14.09 -28.87
CA GLY A 229 -22.79 14.99 -29.07
C GLY A 229 -22.03 15.21 -27.79
N ILE A 230 -21.09 16.14 -27.88
CA ILE A 230 -20.25 16.55 -26.76
C ILE A 230 -20.40 18.06 -26.54
N ASP A 231 -20.32 18.50 -25.28
CA ASP A 231 -20.42 19.93 -24.96
C ASP A 231 -19.32 20.27 -23.94
N ILE A 232 -18.64 21.39 -24.13
CA ILE A 232 -17.67 21.92 -23.17
C ILE A 232 -17.72 23.48 -23.07
N PRO A 233 -17.99 24.04 -21.87
CA PRO A 233 -18.29 25.48 -21.76
C PRO A 233 -17.24 26.40 -22.40
N VAL A 234 -15.97 26.07 -22.21
CA VAL A 234 -14.86 26.72 -22.89
C VAL A 234 -13.81 25.67 -23.33
N LEU A 235 -13.36 25.75 -24.57
CA LEU A 235 -12.11 25.07 -24.93
C LEU A 235 -10.82 25.91 -24.68
N PRO A 236 -10.76 27.19 -25.15
CA PRO A 236 -9.47 27.88 -25.32
C PRO A 236 -8.27 27.14 -24.71
N ARG A 237 -7.66 26.34 -25.57
CA ARG A 237 -6.52 25.45 -25.28
C ARG A 237 -5.68 25.41 -26.56
N ASN A 238 -6.40 25.28 -27.68
CA ASN A 238 -5.86 25.42 -29.01
C ASN A 238 -6.91 26.11 -29.92
N THR A 239 -6.45 26.58 -31.08
CA THR A 239 -7.35 27.06 -32.15
C THR A 239 -7.65 25.88 -33.10
N ASP A 240 -8.92 25.46 -33.09
CA ASP A 240 -9.46 24.46 -34.03
C ASP A 240 -8.93 23.00 -33.86
N LEU A 241 -8.76 22.36 -35.02
CA LEU A 241 -8.38 20.96 -35.17
C LEU A 241 -9.66 20.09 -35.10
N THR A 242 -9.49 18.77 -35.24
CA THR A 242 -10.62 17.83 -35.40
C THR A 242 -10.82 16.92 -34.16
N VAL A 243 -12.04 16.39 -34.03
CA VAL A 243 -12.42 15.49 -32.92
C VAL A 243 -13.34 14.36 -33.41
N PHE A 244 -13.08 13.17 -32.90
CA PHE A 244 -14.00 12.03 -33.05
C PHE A 244 -14.19 11.38 -31.68
N VAL A 245 -15.33 10.73 -31.49
CA VAL A 245 -15.57 9.91 -30.33
C VAL A 245 -15.23 8.47 -30.73
N GLU A 246 -14.39 7.83 -29.94
CA GLU A 246 -14.15 6.38 -30.04
C GLU A 246 -14.89 5.70 -28.91
N ALA A 247 -15.74 4.76 -29.28
CA ALA A 247 -16.48 3.95 -28.36
C ALA A 247 -15.96 2.50 -28.42
N ASN A 248 -15.51 2.02 -27.26
CA ASN A 248 -14.87 0.75 -27.12
C ASN A 248 -15.75 -0.07 -26.29
N ILE A 249 -16.12 -1.28 -26.70
CA ILE A 249 -16.69 -2.23 -25.76
C ILE A 249 -15.57 -3.08 -25.12
N GLN A 250 -15.50 -3.08 -23.79
CA GLN A 250 -14.29 -3.41 -23.07
C GLN A 250 -14.56 -4.27 -21.86
N HIS A 251 -13.71 -5.25 -21.64
CA HIS A 251 -13.89 -6.16 -20.49
C HIS A 251 -12.66 -6.05 -19.58
N GLY A 252 -11.71 -6.96 -19.70
CA GLY A 252 -10.60 -6.94 -18.72
C GLY A 252 -9.47 -6.14 -19.33
N GLN A 253 -9.78 -4.89 -19.69
CA GLN A 253 -8.90 -4.02 -20.48
C GLN A 253 -8.61 -4.62 -21.85
N GLN A 254 -9.32 -5.70 -22.17
CA GLN A 254 -9.37 -6.27 -23.50
C GLN A 254 -10.59 -5.63 -24.18
N VAL A 255 -10.29 -4.91 -25.25
CA VAL A 255 -11.28 -4.31 -26.13
C VAL A 255 -11.97 -5.38 -26.97
N LEU A 256 -13.26 -5.56 -26.74
CA LEU A 256 -14.09 -6.53 -27.43
C LEU A 256 -14.52 -6.04 -28.80
N CYS A 257 -15.15 -4.88 -28.85
CA CYS A 257 -15.40 -4.23 -30.13
C CYS A 257 -15.05 -2.74 -30.05
N GLN A 258 -15.03 -2.07 -31.20
CA GLN A 258 -14.73 -0.64 -31.26
C GLN A 258 -15.25 0.01 -32.56
N ARG A 259 -16.04 1.09 -32.39
CA ARG A 259 -16.52 1.94 -33.49
C ARG A 259 -16.17 3.39 -33.21
N ARG A 260 -16.08 4.19 -34.25
CA ARG A 260 -15.92 5.64 -34.02
C ARG A 260 -16.85 6.49 -34.88
N THR A 261 -16.90 7.76 -34.54
CA THR A 261 -17.65 8.74 -35.31
C THR A 261 -16.74 9.39 -36.36
N SER A 262 -17.41 9.85 -37.43
CA SER A 262 -16.86 10.81 -38.39
C SER A 262 -16.12 11.87 -37.63
N PRO A 263 -14.97 12.32 -38.16
CA PRO A 263 -14.36 13.48 -37.51
C PRO A 263 -15.18 14.80 -37.77
N LYS A 264 -14.99 15.82 -36.94
CA LYS A 264 -15.72 17.09 -37.05
C LYS A 264 -14.87 18.24 -36.45
N PRO A 265 -15.21 19.50 -36.79
CA PRO A 265 -14.39 20.58 -36.20
C PRO A 265 -14.53 20.67 -34.68
N PHE A 266 -13.40 20.89 -34.01
CA PHE A 266 -13.41 20.96 -32.57
C PHE A 266 -13.98 22.31 -32.09
N THR A 267 -15.30 22.32 -31.89
CA THR A 267 -16.03 23.50 -31.40
C THR A 267 -16.64 23.22 -30.03
N GLU A 268 -17.04 24.27 -29.32
CA GLU A 268 -17.55 24.16 -27.95
C GLU A 268 -18.75 23.21 -27.77
N GLU A 269 -19.53 23.02 -28.84
CA GLU A 269 -20.60 22.03 -28.92
C GLU A 269 -20.42 21.30 -30.27
N VAL A 270 -20.35 19.97 -30.25
CA VAL A 270 -20.25 19.17 -31.49
C VAL A 270 -21.32 18.06 -31.43
N LEU A 271 -22.21 18.02 -32.43
CA LEU A 271 -23.33 17.05 -32.50
C LEU A 271 -23.17 16.12 -33.71
N TRP A 272 -23.72 14.89 -33.62
CA TRP A 272 -23.34 13.83 -34.58
C TRP A 272 -24.39 13.30 -35.57
N ASN A 273 -25.61 12.93 -35.20
CA ASN A 273 -26.05 12.29 -33.99
C ASN A 273 -26.26 10.84 -34.48
N VAL A 274 -25.19 10.04 -34.34
CA VAL A 274 -24.98 8.80 -35.08
C VAL A 274 -25.31 7.60 -34.21
N TRP A 275 -25.92 6.59 -34.82
CA TRP A 275 -25.93 5.27 -34.22
C TRP A 275 -24.63 4.62 -34.60
N LEU A 276 -23.82 4.28 -33.60
CA LEU A 276 -22.68 3.36 -33.74
C LEU A 276 -23.12 1.91 -33.42
N GLU A 277 -23.25 1.12 -34.49
CA GLU A 277 -23.60 -0.31 -34.46
C GLU A 277 -22.32 -1.12 -34.26
N PHE A 278 -22.31 -1.98 -33.24
CA PHE A 278 -21.11 -2.76 -32.93
C PHE A 278 -21.21 -4.16 -33.54
N SER A 279 -20.06 -4.85 -33.66
CA SER A 279 -19.98 -6.24 -34.18
C SER A 279 -20.61 -7.28 -33.24
N ILE A 280 -20.69 -6.95 -31.96
CA ILE A 280 -21.22 -7.84 -30.93
C ILE A 280 -22.76 -7.78 -30.73
N LYS A 281 -23.36 -8.94 -30.45
CA LYS A 281 -24.73 -9.07 -30.00
C LYS A 281 -24.92 -8.63 -28.54
N ILE A 282 -26.10 -8.09 -28.27
CA ILE A 282 -26.46 -7.74 -26.93
C ILE A 282 -26.23 -8.95 -26.02
N LYS A 283 -26.55 -10.13 -26.51
CA LYS A 283 -26.58 -11.32 -25.63
C LYS A 283 -25.18 -11.89 -25.26
N ASP A 284 -24.20 -11.45 -26.02
CA ASP A 284 -22.84 -11.80 -25.82
C ASP A 284 -22.08 -10.76 -24.99
N LEU A 285 -22.76 -9.64 -24.63
CA LEU A 285 -22.14 -8.69 -23.67
C LEU A 285 -21.97 -9.36 -22.34
N PRO A 286 -20.73 -9.38 -21.85
CA PRO A 286 -20.50 -9.99 -20.54
C PRO A 286 -20.76 -9.06 -19.35
N LYS A 287 -21.17 -9.64 -18.23
CA LYS A 287 -21.29 -8.83 -17.04
C LYS A 287 -19.94 -8.19 -16.72
N GLY A 288 -19.96 -6.88 -16.48
CA GLY A 288 -18.73 -6.15 -16.16
C GLY A 288 -18.17 -5.45 -17.35
N ALA A 289 -18.70 -5.77 -18.52
CA ALA A 289 -18.46 -5.00 -19.76
C ALA A 289 -18.76 -3.49 -19.59
N LEU A 290 -17.82 -2.68 -20.06
CA LEU A 290 -17.82 -1.23 -19.98
C LEU A 290 -17.94 -0.64 -21.35
N LEU A 291 -18.88 0.28 -21.56
CA LEU A 291 -18.77 1.24 -22.64
C LEU A 291 -17.69 2.28 -22.30
N ASN A 292 -16.61 2.28 -23.04
CA ASN A 292 -15.56 3.24 -22.88
C ASN A 292 -15.68 4.30 -23.99
N LEU A 293 -15.74 5.57 -23.61
CA LEU A 293 -15.99 6.64 -24.61
C LEU A 293 -14.91 7.65 -24.51
N GLN A 294 -14.23 7.91 -25.60
CA GLN A 294 -13.02 8.66 -25.58
C GLN A 294 -13.00 9.72 -26.68
N ILE A 295 -12.39 10.85 -26.39
CA ILE A 295 -12.36 11.97 -27.28
C ILE A 295 -10.93 12.22 -27.72
N TYR A 296 -10.72 12.08 -29.03
CA TYR A 296 -9.42 12.26 -29.67
C TYR A 296 -9.35 13.45 -30.59
N CYS A 297 -8.14 14.03 -30.63
CA CYS A 297 -7.68 14.96 -31.67
C CYS A 297 -6.96 14.35 -32.88
N GLN A 321 -3.58 13.96 -28.16
CA GLN A 321 -4.62 13.38 -29.02
C GLN A 321 -5.83 12.80 -28.27
N LEU A 322 -5.62 11.90 -27.31
CA LEU A 322 -6.68 11.57 -26.33
C LEU A 322 -6.81 12.72 -25.33
N LEU A 323 -8.03 13.24 -25.19
CA LEU A 323 -8.27 14.39 -24.30
C LEU A 323 -9.14 14.08 -23.11
N TYR A 324 -10.06 13.14 -23.29
CA TYR A 324 -11.18 12.94 -22.37
C TYR A 324 -11.69 11.53 -22.52
N TYR A 325 -12.10 10.94 -21.40
CA TYR A 325 -12.67 9.60 -21.41
C TYR A 325 -13.74 9.49 -20.34
N VAL A 326 -14.66 8.56 -20.47
CA VAL A 326 -15.57 8.20 -19.37
C VAL A 326 -16.10 6.80 -19.69
N ASN A 327 -16.54 6.06 -18.69
CA ASN A 327 -17.08 4.72 -18.92
C ASN A 327 -18.49 4.55 -18.38
N LEU A 328 -19.23 3.67 -19.04
CA LEU A 328 -20.56 3.30 -18.57
C LEU A 328 -20.60 1.80 -18.55
N LEU A 329 -21.01 1.22 -17.43
CA LEU A 329 -21.24 -0.18 -17.34
C LEU A 329 -22.39 -0.51 -18.27
N LEU A 330 -22.17 -1.43 -19.21
CA LEU A 330 -23.26 -1.86 -20.05
C LEU A 330 -24.31 -2.68 -19.28
N ILE A 331 -23.85 -3.55 -18.37
CA ILE A 331 -24.71 -4.39 -17.56
C ILE A 331 -24.58 -3.84 -16.14
N ASP A 332 -25.69 -3.70 -15.42
CA ASP A 332 -25.69 -3.02 -14.11
C ASP A 332 -25.70 -4.00 -12.95
N HIS A 333 -25.63 -3.46 -11.73
CA HIS A 333 -25.61 -4.26 -10.47
C HIS A 333 -26.78 -5.24 -10.26
N ARG A 334 -27.86 -5.05 -11.02
CA ARG A 334 -29.05 -5.90 -11.00
C ARG A 334 -29.16 -6.83 -12.23
N PHE A 335 -28.04 -6.94 -12.96
CA PHE A 335 -27.92 -7.71 -14.19
C PHE A 335 -28.81 -7.20 -15.31
N LEU A 336 -29.13 -5.91 -15.33
CA LEU A 336 -29.97 -5.37 -16.41
C LEU A 336 -29.10 -4.59 -17.40
N LEU A 337 -29.39 -4.72 -18.69
CA LEU A 337 -28.80 -3.86 -19.72
C LEU A 337 -29.10 -2.37 -19.48
N ARG A 338 -28.02 -1.58 -19.46
CA ARG A 338 -28.11 -0.13 -19.35
C ARG A 338 -29.02 0.44 -20.45
N ARG A 339 -30.21 0.91 -20.12
CA ARG A 339 -31.10 1.45 -21.17
C ARG A 339 -31.44 2.91 -20.91
N GLY A 340 -31.32 3.75 -21.92
CA GLY A 340 -31.79 5.14 -21.84
C GLY A 340 -30.85 6.20 -22.34
N GLU A 341 -31.12 7.43 -21.88
CA GLU A 341 -30.40 8.67 -22.19
C GLU A 341 -29.40 9.00 -21.12
N TYR A 342 -28.19 9.39 -21.55
CA TYR A 342 -27.14 9.77 -20.62
C TYR A 342 -26.47 11.01 -21.09
N VAL A 343 -26.17 11.90 -20.15
CA VAL A 343 -25.24 13.04 -20.31
C VAL A 343 -24.16 12.73 -19.28
N LEU A 344 -22.94 12.49 -19.73
CA LEU A 344 -21.86 11.96 -18.85
C LEU A 344 -20.71 12.86 -18.83
N HIS A 345 -20.36 13.33 -17.66
CA HIS A 345 -19.21 14.22 -17.53
C HIS A 345 -17.90 13.41 -17.39
N MET A 346 -16.90 13.85 -18.16
CA MET A 346 -15.71 13.09 -18.55
C MET A 346 -14.54 13.59 -17.76
N TRP A 347 -13.49 12.78 -17.79
CA TRP A 347 -12.25 13.12 -17.13
C TRP A 347 -11.30 13.54 -18.21
N GLN A 348 -10.48 14.51 -17.88
CA GLN A 348 -9.53 15.06 -18.79
C GLN A 348 -8.23 14.32 -18.58
N ILE A 349 -7.64 13.87 -19.69
CA ILE A 349 -6.26 13.44 -19.72
C ILE A 349 -5.37 14.67 -19.50
N SER A 350 -4.62 14.66 -18.40
CA SER A 350 -3.58 15.71 -18.21
C SER A 350 -2.11 15.23 -18.42
N GLY A 351 -1.57 15.49 -19.61
CA GLY A 351 -0.19 15.07 -19.95
C GLY A 351 0.81 16.22 -20.05
N PHE A 359 -3.57 2.23 -19.03
CA PHE A 359 -2.30 2.04 -18.29
C PHE A 359 -2.28 2.71 -16.86
N ASN A 360 -3.46 2.85 -16.27
CA ASN A 360 -3.67 3.72 -15.12
C ASN A 360 -5.05 3.32 -14.65
N ALA A 361 -5.19 3.06 -13.36
CA ALA A 361 -6.45 2.60 -12.73
C ALA A 361 -7.66 3.57 -12.94
N ASP A 362 -7.32 4.85 -13.05
CA ASP A 362 -8.23 5.95 -13.19
C ASP A 362 -9.06 5.83 -14.44
N LYS A 363 -8.42 5.42 -15.52
CA LYS A 363 -9.09 5.22 -16.76
C LYS A 363 -10.23 4.22 -16.79
N LEU A 364 -10.36 3.45 -15.75
CA LEU A 364 -11.35 2.39 -15.78
C LEU A 364 -12.59 2.76 -14.95
N THR A 365 -12.55 3.88 -14.24
CA THR A 365 -13.64 4.23 -13.28
C THR A 365 -14.97 4.37 -14.04
N SER A 366 -16.00 3.77 -13.44
CA SER A 366 -17.39 3.99 -13.71
C SER A 366 -17.92 5.29 -13.06
N ALA A 367 -17.06 6.07 -12.41
CA ALA A 367 -17.47 7.39 -11.87
C ALA A 367 -17.40 8.50 -12.89
N THR A 368 -18.35 9.44 -12.77
CA THR A 368 -18.42 10.62 -13.62
C THR A 368 -17.75 11.77 -12.88
N ASN A 369 -17.13 12.67 -13.63
CA ASN A 369 -16.52 13.88 -13.09
C ASN A 369 -17.59 14.79 -12.37
N PRO A 370 -17.44 15.02 -11.04
CA PRO A 370 -18.41 15.85 -10.24
C PRO A 370 -18.47 17.37 -10.59
N ASP A 371 -17.39 17.86 -11.20
CA ASP A 371 -17.30 19.20 -11.77
C ASP A 371 -18.10 19.28 -13.06
N LYS A 372 -19.41 19.57 -12.95
CA LYS A 372 -20.30 19.81 -14.10
C LYS A 372 -20.00 21.18 -14.82
N GLU A 373 -19.42 22.12 -14.07
CA GLU A 373 -19.11 23.48 -14.57
C GLU A 373 -18.01 23.53 -15.63
N ASN A 374 -16.83 23.00 -15.30
CA ASN A 374 -15.66 23.10 -16.21
C ASN A 374 -15.51 21.89 -17.15
N SER A 375 -16.29 20.84 -16.89
CA SER A 375 -16.09 19.55 -17.59
C SER A 375 -16.77 19.40 -18.98
N MET A 376 -16.01 18.83 -19.91
CA MET A 376 -16.57 18.16 -21.08
C MET A 376 -17.66 17.13 -20.73
N SER A 377 -18.79 17.22 -21.44
CA SER A 377 -19.76 16.18 -21.35
C SER A 377 -19.97 15.49 -22.71
N ILE A 378 -20.57 14.30 -22.68
CA ILE A 378 -20.98 13.58 -23.85
C ILE A 378 -22.39 13.09 -23.59
N SER A 379 -23.20 13.03 -24.62
CA SER A 379 -24.58 12.58 -24.45
C SER A 379 -24.78 11.50 -25.44
N ILE A 380 -25.57 10.54 -25.01
CA ILE A 380 -25.75 9.30 -25.67
C ILE A 380 -27.14 8.75 -25.33
N LEU A 381 -27.64 7.97 -26.27
CA LEU A 381 -28.84 7.20 -26.07
C LEU A 381 -28.49 5.72 -26.32
N LEU A 382 -28.99 4.92 -25.38
CA LEU A 382 -29.02 3.46 -25.42
C LEU A 382 -30.46 2.92 -25.57
N ASP A 383 -30.72 2.22 -26.68
CA ASP A 383 -32.08 1.79 -27.04
C ASP A 383 -32.27 0.26 -26.91
N ASN A 384 -31.22 -0.48 -27.30
CA ASN A 384 -31.04 -1.92 -26.99
C ASN A 384 -31.93 -2.50 -25.88
N ARG A 406 -10.32 -37.04 -20.16
CA ARG A 406 -10.98 -37.38 -21.44
C ARG A 406 -10.12 -37.56 -22.74
N ALA A 407 -8.81 -37.30 -22.69
CA ALA A 407 -7.90 -37.45 -23.87
C ALA A 407 -6.40 -37.32 -23.47
N GLU A 408 -5.46 -37.36 -24.43
CA GLU A 408 -4.02 -37.51 -24.08
C GLU A 408 -3.06 -36.61 -24.86
N MET A 409 -2.46 -35.63 -24.18
CA MET A 409 -1.74 -34.60 -24.91
C MET A 409 -0.52 -35.11 -25.69
N PRO A 410 -0.48 -34.87 -27.01
CA PRO A 410 0.79 -35.08 -27.67
C PRO A 410 1.90 -34.67 -26.71
N ASN A 411 2.64 -35.66 -26.25
CA ASN A 411 3.69 -35.41 -25.28
C ASN A 411 4.25 -33.97 -25.47
N GLN A 412 4.48 -33.54 -26.72
CA GLN A 412 5.08 -32.18 -26.98
C GLN A 412 4.14 -30.97 -27.06
N LEU A 413 2.85 -31.21 -27.15
CA LEU A 413 1.87 -30.14 -26.89
C LEU A 413 1.95 -29.80 -25.39
N ARG A 414 1.73 -30.83 -24.57
CA ARG A 414 1.86 -30.76 -23.09
C ARG A 414 3.07 -29.95 -22.65
N LYS A 415 4.21 -30.16 -23.26
CA LYS A 415 5.40 -29.37 -22.96
C LYS A 415 5.38 -27.91 -23.53
N GLN A 416 4.76 -27.71 -24.70
CA GLN A 416 4.32 -26.38 -25.16
C GLN A 416 3.55 -25.68 -24.04
N LEU A 417 2.54 -26.39 -23.52
CA LEU A 417 1.66 -25.86 -22.47
C LEU A 417 2.45 -25.50 -21.26
N GLU A 418 3.11 -26.49 -20.67
CA GLU A 418 3.86 -26.32 -19.43
C GLU A 418 4.92 -25.25 -19.46
N ALA A 419 5.45 -24.97 -20.65
CA ALA A 419 6.36 -23.86 -20.89
C ALA A 419 5.65 -22.47 -20.87
N ILE A 420 4.50 -22.38 -21.53
CA ILE A 420 3.54 -21.24 -21.39
C ILE A 420 3.18 -21.04 -19.91
N ILE A 421 2.73 -22.10 -19.25
CA ILE A 421 2.34 -22.04 -17.83
C ILE A 421 3.45 -21.63 -16.90
N ALA A 422 4.70 -21.74 -17.33
CA ALA A 422 5.83 -21.54 -16.42
C ALA A 422 6.50 -20.22 -16.67
N THR A 423 5.86 -19.38 -17.46
CA THR A 423 6.41 -18.11 -17.97
C THR A 423 5.91 -16.98 -17.01
N ASP A 424 6.55 -15.81 -16.94
CA ASP A 424 6.14 -14.81 -15.90
C ASP A 424 4.78 -14.06 -16.18
N PRO A 425 4.25 -13.35 -15.15
CA PRO A 425 3.03 -12.55 -15.35
C PRO A 425 3.08 -11.58 -16.52
N LEU A 426 4.26 -11.06 -16.86
CA LEU A 426 4.35 -10.03 -17.91
C LEU A 426 4.73 -10.59 -19.27
N ASN A 427 4.74 -11.91 -19.37
CA ASN A 427 5.03 -12.56 -20.62
C ASN A 427 3.76 -12.56 -21.46
N PRO A 428 3.82 -11.93 -22.66
CA PRO A 428 2.65 -11.86 -23.52
C PRO A 428 2.35 -13.20 -24.13
N LEU A 429 1.04 -13.53 -24.20
CA LEU A 429 0.56 -14.67 -24.92
C LEU A 429 0.27 -14.24 -26.34
N THR A 430 0.24 -15.24 -27.21
CA THR A 430 -0.03 -15.04 -28.58
C THR A 430 -1.37 -15.75 -28.81
N ALA A 431 -2.06 -15.39 -29.88
CA ALA A 431 -3.21 -16.14 -30.36
C ALA A 431 -3.02 -17.65 -30.25
N GLU A 432 -1.82 -18.16 -30.49
CA GLU A 432 -1.56 -19.62 -30.43
C GLU A 432 -1.53 -20.17 -29.03
N ASP A 433 -0.85 -19.43 -28.14
CA ASP A 433 -0.74 -19.73 -26.74
C ASP A 433 -2.12 -19.81 -26.17
N LYS A 434 -2.92 -18.79 -26.49
CA LYS A 434 -4.29 -18.73 -25.98
C LYS A 434 -5.17 -19.85 -26.45
N GLU A 435 -5.12 -20.10 -27.74
CA GLU A 435 -5.90 -21.23 -28.32
C GLU A 435 -5.45 -22.55 -27.71
N LEU A 436 -4.18 -22.65 -27.30
CA LEU A 436 -3.67 -23.91 -26.69
C LEU A 436 -4.16 -24.08 -25.28
N LEU A 437 -4.08 -23.03 -24.47
CA LEU A 437 -4.70 -22.98 -23.14
C LEU A 437 -6.14 -23.30 -23.12
N TRP A 438 -6.88 -22.76 -24.07
CA TRP A 438 -8.34 -22.88 -24.09
C TRP A 438 -8.72 -24.28 -24.53
N HIS A 439 -8.20 -24.69 -25.67
CA HIS A 439 -8.41 -26.06 -26.18
C HIS A 439 -8.10 -27.09 -25.12
N PHE A 440 -6.98 -26.93 -24.46
CA PHE A 440 -6.66 -27.82 -23.32
C PHE A 440 -6.93 -27.23 -21.94
N ARG A 441 -8.10 -26.59 -21.82
CA ARG A 441 -8.52 -25.92 -20.59
C ARG A 441 -8.65 -26.81 -19.37
N TYR A 442 -8.89 -28.10 -19.56
CA TYR A 442 -9.00 -29.00 -18.42
C TYR A 442 -7.65 -29.50 -17.92
N GLU A 443 -6.75 -29.70 -18.84
CA GLU A 443 -5.37 -29.89 -18.51
C GLU A 443 -4.80 -28.65 -17.78
N SER A 444 -5.03 -27.45 -18.32
CA SER A 444 -4.62 -26.18 -17.67
C SER A 444 -5.20 -26.02 -16.27
N LEU A 445 -6.41 -26.48 -16.07
CA LEU A 445 -7.08 -26.45 -14.76
C LEU A 445 -6.36 -27.24 -13.65
N LYS A 446 -5.53 -28.20 -14.06
CA LYS A 446 -4.79 -28.99 -13.11
C LYS A 446 -3.59 -28.20 -12.53
N HIS A 447 -3.30 -27.03 -13.10
CA HIS A 447 -2.21 -26.16 -12.68
C HIS A 447 -2.74 -24.77 -12.26
N PRO A 448 -2.79 -24.55 -10.93
CA PRO A 448 -3.13 -23.31 -10.24
C PRO A 448 -2.43 -22.07 -10.86
N LYS A 449 -1.14 -22.21 -11.15
CA LYS A 449 -0.34 -21.21 -11.85
C LYS A 449 -0.72 -20.92 -13.30
N ALA A 450 -1.52 -21.77 -13.91
CA ALA A 450 -2.05 -21.47 -15.24
C ALA A 450 -3.30 -20.58 -15.20
N TYR A 451 -3.83 -20.27 -14.05
CA TYR A 451 -5.16 -19.72 -14.01
C TYR A 451 -5.27 -18.36 -14.67
N PRO A 452 -4.34 -17.40 -14.37
CA PRO A 452 -4.27 -16.09 -15.02
C PRO A 452 -4.20 -16.14 -16.47
N LYS A 453 -3.23 -16.91 -17.00
CA LYS A 453 -3.09 -17.10 -18.45
C LYS A 453 -4.30 -17.78 -19.10
N LEU A 454 -4.86 -18.80 -18.48
CA LEU A 454 -6.05 -19.45 -18.99
C LEU A 454 -7.24 -18.51 -19.01
N PHE A 455 -7.40 -17.75 -17.95
CA PHE A 455 -8.50 -16.77 -17.96
C PHE A 455 -8.31 -15.60 -18.93
N SER A 456 -7.06 -15.27 -19.29
CA SER A 456 -6.75 -14.32 -20.37
C SER A 456 -6.90 -14.94 -21.74
N SER A 457 -7.11 -16.23 -21.80
CA SER A 457 -7.24 -16.89 -23.08
C SER A 457 -8.74 -17.14 -23.38
N VAL A 458 -9.62 -16.55 -22.54
CA VAL A 458 -11.07 -16.62 -22.71
C VAL A 458 -11.58 -15.48 -23.60
N LYS A 459 -12.43 -15.83 -24.58
CA LYS A 459 -13.22 -14.86 -25.37
C LYS A 459 -14.46 -14.44 -24.54
N TRP A 460 -14.30 -13.36 -23.78
CA TRP A 460 -15.32 -12.89 -22.81
C TRP A 460 -16.58 -12.31 -23.50
N GLY A 461 -16.39 -11.83 -24.72
CA GLY A 461 -17.47 -11.46 -25.63
C GLY A 461 -18.18 -12.58 -26.39
N GLN A 462 -18.08 -13.83 -25.95
CA GLN A 462 -18.95 -14.88 -26.42
C GLN A 462 -19.63 -15.55 -25.24
N GLN A 463 -20.96 -15.44 -25.23
CA GLN A 463 -21.78 -15.96 -24.13
C GLN A 463 -21.56 -17.46 -23.88
N GLU A 464 -21.42 -18.21 -24.96
CA GLU A 464 -21.29 -19.69 -24.87
C GLU A 464 -19.90 -20.10 -24.38
N ILE A 465 -18.85 -19.42 -24.83
CA ILE A 465 -17.50 -19.56 -24.21
C ILE A 465 -17.49 -19.23 -22.71
N VAL A 466 -18.08 -18.10 -22.34
CA VAL A 466 -18.19 -17.65 -20.93
C VAL A 466 -18.87 -18.73 -20.13
N ALA A 467 -19.83 -19.39 -20.75
CA ALA A 467 -20.64 -20.38 -20.03
C ALA A 467 -19.77 -21.58 -19.76
N LYS A 468 -18.90 -21.89 -20.72
CA LYS A 468 -18.02 -23.05 -20.67
C LYS A 468 -16.92 -22.81 -19.68
N THR A 469 -16.54 -21.53 -19.61
CA THR A 469 -15.63 -21.03 -18.55
C THR A 469 -16.18 -21.30 -17.15
N TYR A 470 -17.45 -20.98 -16.94
CA TYR A 470 -18.14 -21.25 -15.67
C TYR A 470 -18.24 -22.74 -15.36
N GLN A 471 -18.55 -23.55 -16.36
CA GLN A 471 -18.50 -25.01 -16.25
C GLN A 471 -17.09 -25.47 -15.79
N LEU A 472 -16.00 -24.93 -16.36
CA LEU A 472 -14.65 -25.34 -15.87
C LEU A 472 -14.29 -24.81 -14.49
N LEU A 473 -14.90 -23.72 -14.05
CA LEU A 473 -14.63 -23.19 -12.72
C LEU A 473 -15.46 -23.89 -11.63
N ALA A 474 -16.45 -24.68 -12.06
CA ALA A 474 -17.28 -25.49 -11.16
C ALA A 474 -16.49 -26.70 -10.70
N ARG A 475 -15.42 -26.98 -11.45
CA ARG A 475 -14.53 -28.14 -11.33
C ARG A 475 -13.25 -27.74 -10.53
N ARG A 476 -13.46 -27.00 -9.44
CA ARG A 476 -12.36 -26.25 -8.80
C ARG A 476 -11.63 -26.91 -7.64
N GLU A 477 -11.46 -28.23 -7.73
CA GLU A 477 -10.89 -28.98 -6.61
C GLU A 477 -9.41 -28.75 -6.55
N VAL A 478 -8.71 -28.76 -7.67
CA VAL A 478 -7.26 -28.50 -7.64
C VAL A 478 -6.95 -27.12 -7.05
N TRP A 479 -7.74 -26.12 -7.46
CA TRP A 479 -7.60 -24.73 -6.98
C TRP A 479 -7.87 -24.66 -5.48
N ASP A 480 -9.01 -25.20 -5.05
CA ASP A 480 -9.40 -25.24 -3.63
C ASP A 480 -8.45 -26.06 -2.74
N GLN A 481 -7.77 -27.07 -3.29
CA GLN A 481 -6.81 -27.87 -2.50
C GLN A 481 -5.40 -27.25 -2.47
N SER A 482 -5.16 -26.30 -3.37
CA SER A 482 -3.87 -25.65 -3.48
C SER A 482 -3.53 -24.76 -2.29
N ALA A 483 -2.26 -24.75 -1.94
CA ALA A 483 -1.80 -23.82 -0.91
C ALA A 483 -1.99 -22.36 -1.38
N LEU A 484 -2.45 -21.45 -0.49
CA LEU A 484 -2.46 -20.00 -0.85
C LEU A 484 -1.12 -19.62 -1.45
N ASP A 485 -1.16 -19.12 -2.67
CA ASP A 485 -0.02 -18.40 -3.25
C ASP A 485 -0.50 -16.97 -3.51
N VAL A 486 -0.17 -16.05 -2.62
CA VAL A 486 -0.67 -14.67 -2.68
C VAL A 486 -0.43 -13.91 -4.01
N GLY A 487 0.78 -14.05 -4.50
CA GLY A 487 1.15 -13.56 -5.80
C GLY A 487 0.28 -13.95 -6.94
N LEU A 488 -0.13 -15.21 -6.96
CA LEU A 488 -1.03 -15.71 -8.00
C LEU A 488 -2.46 -15.29 -7.74
N THR A 489 -2.84 -15.21 -6.49
CA THR A 489 -4.16 -14.68 -6.16
C THR A 489 -4.28 -13.19 -6.55
N MET A 490 -3.26 -12.42 -6.19
CA MET A 490 -3.14 -11.02 -6.57
C MET A 490 -3.30 -10.76 -8.04
N GLN A 491 -2.73 -11.66 -8.88
CA GLN A 491 -2.87 -11.49 -10.35
C GLN A 491 -4.27 -11.53 -10.87
N LEU A 492 -5.14 -12.30 -10.23
CA LEU A 492 -6.54 -12.44 -10.66
C LEU A 492 -7.40 -11.22 -10.25
N LEU A 493 -6.82 -10.34 -9.42
CA LEU A 493 -7.49 -9.15 -8.90
C LEU A 493 -6.97 -7.84 -9.52
N ASP A 494 -6.24 -7.94 -10.63
CA ASP A 494 -5.59 -6.80 -11.25
C ASP A 494 -6.42 -6.38 -12.45
N CYS A 495 -5.94 -5.48 -13.29
CA CYS A 495 -6.81 -4.92 -14.32
C CYS A 495 -7.27 -5.84 -15.45
N ASN A 496 -6.61 -7.00 -15.56
CA ASN A 496 -6.89 -8.00 -16.67
C ASN A 496 -8.05 -8.93 -16.48
N PHE A 497 -8.73 -8.86 -15.35
CA PHE A 497 -9.83 -9.80 -15.01
C PHE A 497 -11.08 -8.98 -14.62
N SER A 498 -12.14 -8.93 -15.42
CA SER A 498 -13.33 -8.13 -15.03
C SER A 498 -14.48 -9.04 -14.61
N ASP A 499 -14.29 -10.34 -14.71
CA ASP A 499 -15.33 -11.30 -14.42
C ASP A 499 -15.42 -11.60 -12.95
N GLU A 500 -16.63 -11.60 -12.39
CA GLU A 500 -16.79 -11.75 -10.96
C GLU A 500 -16.48 -13.16 -10.48
N ASN A 501 -16.77 -14.17 -11.26
CA ASN A 501 -16.46 -15.53 -10.82
C ASN A 501 -14.96 -15.73 -10.68
N VAL A 502 -14.22 -15.25 -11.68
CA VAL A 502 -12.74 -15.33 -11.62
C VAL A 502 -12.18 -14.60 -10.42
N ARG A 503 -12.68 -13.38 -10.18
CA ARG A 503 -12.14 -12.50 -9.15
C ARG A 503 -12.49 -13.04 -7.79
N ALA A 504 -13.63 -13.71 -7.73
CA ALA A 504 -14.14 -14.31 -6.49
C ALA A 504 -13.47 -15.58 -6.01
N ILE A 505 -12.93 -16.39 -6.88
CA ILE A 505 -12.04 -17.50 -6.48
C ILE A 505 -10.66 -17.00 -5.94
N ALA A 506 -10.16 -15.87 -6.47
CA ALA A 506 -8.99 -15.18 -5.92
C ALA A 506 -9.27 -14.76 -4.48
N VAL A 507 -10.40 -14.10 -4.26
CA VAL A 507 -10.73 -13.67 -2.91
C VAL A 507 -10.95 -14.81 -1.89
N GLN A 508 -11.57 -15.89 -2.37
CA GLN A 508 -11.72 -17.18 -1.68
C GLN A 508 -10.44 -17.65 -1.06
N LYS A 509 -9.37 -17.67 -1.86
CA LYS A 509 -8.02 -17.94 -1.32
C LYS A 509 -7.53 -17.00 -0.25
N LEU A 510 -7.79 -15.73 -0.43
CA LEU A 510 -7.33 -14.73 0.55
C LEU A 510 -7.96 -15.01 1.93
N GLU A 511 -9.13 -15.68 1.93
CA GLU A 511 -9.87 -16.03 3.15
C GLU A 511 -9.06 -16.71 4.22
N SER A 512 -8.06 -17.48 3.81
CA SER A 512 -7.21 -18.17 4.78
C SER A 512 -5.96 -17.39 5.20
N LEU A 513 -5.86 -16.13 4.80
CA LEU A 513 -4.79 -15.30 5.29
C LEU A 513 -4.97 -15.11 6.76
N GLU A 514 -3.93 -15.34 7.56
CA GLU A 514 -3.96 -14.75 8.92
C GLU A 514 -3.83 -13.21 8.85
N ASP A 515 -4.21 -12.59 9.95
CA ASP A 515 -4.31 -11.15 10.15
C ASP A 515 -2.99 -10.43 9.91
N ASP A 516 -1.93 -11.06 10.42
CA ASP A 516 -0.55 -10.67 10.21
C ASP A 516 -0.23 -10.53 8.71
N ASP A 517 -0.83 -11.37 7.89
CA ASP A 517 -0.56 -11.40 6.44
C ASP A 517 -1.53 -10.49 5.72
N VAL A 518 -2.72 -10.31 6.26
CA VAL A 518 -3.63 -9.33 5.71
C VAL A 518 -2.88 -7.96 5.70
N LEU A 519 -2.27 -7.63 6.82
CA LEU A 519 -1.65 -6.35 7.09
C LEU A 519 -0.51 -6.07 6.15
N HIS A 520 0.17 -7.13 5.71
CA HIS A 520 1.24 -7.04 4.73
C HIS A 520 0.72 -6.60 3.38
N TYR A 521 -0.51 -6.94 3.12
CA TYR A 521 -1.10 -6.92 1.80
C TYR A 521 -2.23 -5.94 1.73
N LEU A 522 -2.61 -5.37 2.86
CA LEU A 522 -3.76 -4.46 2.96
C LEU A 522 -3.79 -3.29 1.98
N LEU A 523 -2.69 -2.52 1.88
CA LEU A 523 -2.66 -1.36 0.97
C LEU A 523 -2.87 -1.74 -0.48
N GLN A 524 -2.20 -2.78 -0.92
CA GLN A 524 -2.42 -3.24 -2.27
C GLN A 524 -3.79 -3.90 -2.52
N LEU A 525 -4.41 -4.50 -1.53
CA LEU A 525 -5.79 -4.97 -1.67
C LEU A 525 -6.84 -3.86 -1.70
N VAL A 526 -6.60 -2.75 -1.02
CA VAL A 526 -7.45 -1.58 -1.04
C VAL A 526 -7.32 -0.99 -2.41
N GLN A 527 -6.08 -0.90 -2.89
CA GLN A 527 -5.87 -0.33 -4.19
C GLN A 527 -6.48 -1.17 -5.28
N ALA A 528 -6.43 -2.47 -5.10
CA ALA A 528 -7.06 -3.43 -6.08
C ALA A 528 -8.60 -3.30 -6.24
N VAL A 529 -9.25 -2.59 -5.34
CA VAL A 529 -10.72 -2.30 -5.42
C VAL A 529 -11.06 -1.41 -6.61
N LYS A 530 -10.09 -0.62 -7.01
CA LYS A 530 -10.13 0.11 -8.24
C LYS A 530 -10.20 -0.69 -9.56
N PHE A 531 -10.03 -2.02 -9.54
CA PHE A 531 -10.08 -2.80 -10.77
C PHE A 531 -11.35 -3.57 -10.80
N GLU A 532 -12.13 -3.40 -9.74
CA GLU A 532 -13.48 -3.97 -9.63
C GLU A 532 -14.48 -3.26 -10.56
N PRO A 533 -15.19 -3.99 -11.41
CA PRO A 533 -16.28 -3.38 -12.15
C PRO A 533 -17.37 -2.73 -11.28
N TYR A 534 -17.73 -3.36 -10.16
CA TYR A 534 -18.86 -3.00 -9.31
C TYR A 534 -18.36 -2.59 -7.97
N HIS A 535 -19.17 -1.75 -7.31
CA HIS A 535 -18.89 -1.20 -6.01
C HIS A 535 -18.89 -2.23 -4.91
N ASP A 536 -19.79 -3.18 -5.06
CA ASP A 536 -19.98 -4.23 -4.10
C ASP A 536 -19.30 -5.41 -4.72
N SER A 537 -18.33 -5.98 -4.04
CA SER A 537 -17.55 -7.00 -4.63
C SER A 537 -17.15 -7.84 -3.50
N ALA A 538 -16.90 -9.11 -3.77
CA ALA A 538 -16.27 -10.05 -2.84
C ALA A 538 -15.02 -9.47 -2.20
N LEU A 539 -14.17 -8.79 -2.99
CA LEU A 539 -13.05 -7.98 -2.42
C LEU A 539 -13.40 -6.81 -1.52
N ALA A 540 -14.31 -5.97 -1.94
CA ALA A 540 -14.85 -4.94 -1.02
C ALA A 540 -15.18 -5.57 0.35
N ARG A 541 -15.90 -6.67 0.32
CA ARG A 541 -16.45 -7.28 1.54
C ARG A 541 -15.45 -8.08 2.33
N PHE A 542 -14.49 -8.69 1.66
CA PHE A 542 -13.40 -9.33 2.39
C PHE A 542 -12.65 -8.31 3.23
N LEU A 543 -12.36 -7.12 2.63
CA LEU A 543 -11.63 -6.08 3.35
C LEU A 543 -12.47 -5.55 4.54
N LEU A 544 -13.75 -5.34 4.28
CA LEU A 544 -14.73 -5.05 5.32
C LEU A 544 -14.73 -6.09 6.47
N LYS A 545 -14.94 -7.36 6.16
CA LYS A 545 -14.85 -8.44 7.13
C LYS A 545 -13.57 -8.35 7.94
N ARG A 546 -12.43 -8.36 7.26
CA ARG A 546 -11.15 -8.46 7.96
C ARG A 546 -10.87 -7.28 8.88
N GLY A 547 -11.29 -6.09 8.46
CA GLY A 547 -11.24 -4.90 9.28
C GLY A 547 -12.05 -4.97 10.53
N LEU A 548 -13.28 -5.48 10.44
CA LEU A 548 -14.18 -5.58 11.62
C LEU A 548 -13.77 -6.66 12.60
N ARG A 549 -13.07 -7.65 12.11
CA ARG A 549 -12.64 -8.76 12.92
C ARG A 549 -11.41 -8.43 13.74
N ASN A 550 -10.64 -7.44 13.27
CA ASN A 550 -9.33 -7.06 13.85
C ASN A 550 -9.11 -5.53 13.80
N LYS A 551 -8.98 -4.92 14.97
CA LYS A 551 -8.81 -3.48 15.17
C LYS A 551 -7.56 -2.87 14.54
N ARG A 552 -6.48 -3.59 14.53
CA ARG A 552 -5.26 -3.18 13.85
C ARG A 552 -5.44 -3.04 12.35
N ILE A 553 -5.91 -4.11 11.75
CA ILE A 553 -6.44 -4.05 10.39
C ILE A 553 -7.48 -2.95 10.19
N GLY A 554 -8.49 -2.85 11.05
CA GLY A 554 -9.51 -1.87 10.84
C GLY A 554 -9.04 -0.42 10.87
N HIS A 555 -8.05 -0.12 11.71
CA HIS A 555 -7.38 1.23 11.79
C HIS A 555 -6.64 1.66 10.50
N PHE A 556 -5.87 0.75 9.95
CA PHE A 556 -5.21 1.01 8.65
C PHE A 556 -6.09 1.01 7.49
N LEU A 557 -7.07 0.13 7.49
CA LEU A 557 -8.10 0.25 6.50
C LEU A 557 -8.74 1.65 6.47
N PHE A 558 -8.99 2.22 7.61
CA PHE A 558 -9.54 3.59 7.70
C PHE A 558 -8.72 4.62 6.95
N TRP A 559 -7.46 4.70 7.32
CA TRP A 559 -6.53 5.64 6.73
C TRP A 559 -6.19 5.32 5.33
N PHE A 560 -6.27 4.04 4.95
CA PHE A 560 -6.00 3.67 3.56
C PHE A 560 -7.13 4.15 2.71
N LEU A 561 -8.35 3.80 3.14
CA LEU A 561 -9.55 4.30 2.43
C LEU A 561 -9.63 5.82 2.44
N ARG A 562 -9.44 6.43 3.58
CA ARG A 562 -9.54 7.91 3.74
C ARG A 562 -8.58 8.68 2.89
N SER A 563 -7.38 8.11 2.69
CA SER A 563 -6.37 8.73 1.78
C SER A 563 -6.81 8.91 0.36
N GLU A 564 -7.58 7.93 -0.12
CA GLU A 564 -8.14 7.90 -1.46
C GLU A 564 -9.38 8.76 -1.60
N ILE A 565 -10.25 8.70 -0.60
CA ILE A 565 -11.45 9.55 -0.58
C ILE A 565 -11.09 11.04 -0.64
N ALA A 566 -9.97 11.44 -0.01
CA ALA A 566 -9.58 12.85 0.08
C ALA A 566 -8.86 13.37 -1.13
N GLN A 567 -8.47 12.48 -2.02
CA GLN A 567 -7.67 12.88 -3.17
C GLN A 567 -7.97 12.12 -4.44
N SER A 568 -8.81 11.10 -4.41
CA SER A 568 -9.26 10.50 -5.68
C SER A 568 -10.75 10.76 -5.99
N ARG A 569 -11.00 11.69 -6.91
CA ARG A 569 -12.37 11.94 -7.40
C ARG A 569 -12.88 10.71 -8.18
N HIS A 570 -11.98 10.14 -9.01
CA HIS A 570 -12.26 8.90 -9.73
C HIS A 570 -12.86 7.77 -8.92
N TYR A 571 -12.37 7.66 -7.71
CA TYR A 571 -12.65 6.55 -6.79
C TYR A 571 -13.22 6.85 -5.39
N GLN A 572 -13.30 8.09 -5.00
CA GLN A 572 -13.77 8.46 -3.62
C GLN A 572 -15.17 8.01 -3.14
N GLN A 573 -16.12 7.96 -4.06
CA GLN A 573 -17.50 7.49 -3.77
C GLN A 573 -17.59 6.01 -3.43
N ARG A 574 -17.00 5.13 -4.26
CA ARG A 574 -16.81 3.71 -3.93
C ARG A 574 -16.16 3.52 -2.59
N PHE A 575 -14.97 4.10 -2.44
CA PHE A 575 -14.20 3.92 -1.21
C PHE A 575 -14.96 4.48 0.04
N ALA A 576 -15.75 5.53 -0.15
CA ALA A 576 -16.59 6.15 0.96
C ALA A 576 -17.71 5.25 1.37
N VAL A 577 -18.32 4.60 0.43
CA VAL A 577 -19.34 3.64 0.76
C VAL A 577 -18.74 2.49 1.56
N ILE A 578 -17.49 2.10 1.30
CA ILE A 578 -16.87 0.96 1.98
C ILE A 578 -16.39 1.40 3.35
N LEU A 579 -15.91 2.66 3.43
CA LEU A 579 -15.47 3.22 4.69
C LEU A 579 -16.63 3.37 5.62
N GLU A 580 -17.75 4.01 5.18
CA GLU A 580 -18.98 4.05 6.01
C GLU A 580 -19.33 2.69 6.62
N ALA A 581 -19.44 1.66 5.77
CA ALA A 581 -19.73 0.29 6.24
C ALA A 581 -18.79 -0.18 7.35
N TYR A 582 -17.52 0.18 7.26
CA TYR A 582 -16.55 -0.20 8.28
C TYR A 582 -16.91 0.44 9.64
N LEU A 583 -17.20 1.71 9.51
CA LEU A 583 -17.40 2.64 10.57
C LEU A 583 -18.66 2.39 11.41
N ARG A 584 -19.73 1.94 10.74
CA ARG A 584 -20.96 1.49 11.39
C ARG A 584 -20.85 0.13 12.11
N GLY A 585 -19.64 -0.47 12.13
CA GLY A 585 -19.39 -1.70 12.88
C GLY A 585 -18.12 -1.85 13.72
N CYS A 586 -17.32 -0.80 13.82
CA CYS A 586 -15.98 -0.92 14.47
C CYS A 586 -16.03 -0.66 15.97
N GLY A 587 -17.14 -0.05 16.41
CA GLY A 587 -17.39 0.28 17.81
C GLY A 587 -17.21 1.77 18.06
N THR A 588 -18.01 2.31 18.98
CA THR A 588 -18.04 3.74 19.29
C THR A 588 -16.72 4.17 19.91
N ALA A 589 -16.07 3.22 20.57
CA ALA A 589 -14.68 3.35 21.05
C ALA A 589 -13.71 3.68 19.94
N MET A 590 -13.76 2.92 18.84
CA MET A 590 -12.84 3.14 17.71
C MET A 590 -13.24 4.39 16.97
N LEU A 591 -14.55 4.52 16.83
CA LEU A 591 -15.19 5.73 16.28
C LEU A 591 -14.72 7.00 16.99
N HIS A 592 -14.69 6.94 18.33
CA HIS A 592 -14.25 8.04 19.22
C HIS A 592 -12.85 8.43 18.87
N ASP A 593 -12.07 7.37 18.76
CA ASP A 593 -10.65 7.42 18.55
C ASP A 593 -10.28 7.93 17.16
N PHE A 594 -11.03 7.59 16.12
CA PHE A 594 -10.79 8.13 14.74
C PHE A 594 -11.06 9.59 14.61
N THR A 595 -12.14 10.00 15.26
CA THR A 595 -12.61 11.40 15.35
C THR A 595 -11.54 12.35 15.89
N GLN A 596 -10.88 11.88 16.92
CA GLN A 596 -9.75 12.58 17.55
C GLN A 596 -8.53 12.76 16.65
N GLN A 597 -8.16 11.66 15.99
CA GLN A 597 -7.04 11.64 15.08
C GLN A 597 -7.29 12.58 13.92
N VAL A 598 -8.50 12.52 13.37
CA VAL A 598 -8.87 13.43 12.26
C VAL A 598 -8.80 14.86 12.74
N GLN A 599 -9.38 15.11 13.91
CA GLN A 599 -9.32 16.42 14.58
C GLN A 599 -7.90 16.95 14.62
N VAL A 600 -7.00 16.24 15.31
CA VAL A 600 -5.58 16.62 15.30
C VAL A 600 -4.98 16.82 13.91
N ILE A 601 -5.10 15.83 13.00
CA ILE A 601 -4.53 15.91 11.63
C ILE A 601 -5.00 17.14 10.86
N GLU A 602 -6.29 17.43 10.91
CA GLU A 602 -6.80 18.65 10.31
C GLU A 602 -6.10 19.90 10.91
N MET A 603 -6.13 20.03 12.24
CA MET A 603 -5.41 21.11 12.93
C MET A 603 -3.95 21.22 12.53
N LEU A 604 -3.24 20.10 12.55
CA LEU A 604 -1.81 20.13 12.25
C LEU A 604 -1.52 20.39 10.77
N GLN A 605 -2.50 20.11 9.93
CA GLN A 605 -2.35 20.29 8.48
C GLN A 605 -2.52 21.74 8.06
N LYS A 606 -3.36 22.48 8.78
CA LYS A 606 -3.52 23.93 8.55
C LYS A 606 -2.19 24.63 8.85
N VAL A 607 -1.64 24.29 10.02
CA VAL A 607 -0.40 24.88 10.49
C VAL A 607 0.77 24.69 9.51
N THR A 608 0.83 23.53 8.86
CA THR A 608 1.90 23.22 7.87
C THR A 608 1.67 23.96 6.54
N LEU A 609 0.40 24.21 6.23
CA LEU A 609 0.04 25.04 5.05
C LEU A 609 0.36 26.51 5.31
N ASP A 610 -0.28 27.08 6.33
CA ASP A 610 0.06 28.45 6.81
C ASP A 610 1.58 28.71 6.83
N ILE A 611 2.31 27.93 7.63
CA ILE A 611 3.76 28.12 7.74
C ILE A 611 4.53 28.02 6.40
N LYS A 612 4.05 27.24 5.44
CA LYS A 612 4.77 27.04 4.17
C LYS A 612 4.82 28.34 3.34
N SER A 613 3.66 28.96 3.17
CA SER A 613 3.49 30.21 2.40
C SER A 613 4.37 31.38 2.90
N LEU A 614 4.44 31.50 4.22
CA LEU A 614 5.34 32.43 4.93
C LEU A 614 6.81 32.37 4.50
N SER A 615 7.27 31.18 4.12
CA SER A 615 8.67 30.99 3.74
C SER A 615 8.87 30.94 2.23
N ALA A 616 9.73 31.83 1.73
CA ALA A 616 10.14 31.82 0.33
C ALA A 616 10.98 30.59 0.03
N GLU A 617 11.14 30.30 -1.27
CA GLU A 617 12.04 29.22 -1.72
C GLU A 617 13.48 29.73 -1.57
N LYS A 618 13.86 29.97 -0.31
CA LYS A 618 15.20 30.47 0.04
C LYS A 618 15.66 29.71 1.27
N TYR A 619 16.87 29.15 1.21
CA TYR A 619 17.35 28.18 2.22
C TYR A 619 17.76 28.81 3.57
N ASP A 620 16.71 29.17 4.32
CA ASP A 620 16.81 29.86 5.59
C ASP A 620 15.41 29.79 6.22
N VAL A 621 15.37 29.43 7.51
CA VAL A 621 14.13 29.53 8.30
C VAL A 621 14.22 30.80 9.16
N SER A 622 13.49 31.83 8.74
CA SER A 622 13.60 33.18 9.31
C SER A 622 13.19 33.20 10.78
N SER A 623 13.89 34.00 11.57
CA SER A 623 13.59 34.22 12.99
C SER A 623 12.08 34.22 13.21
N GLN A 624 11.39 35.12 12.51
CA GLN A 624 9.93 35.28 12.63
C GLN A 624 9.08 34.12 12.02
N VAL A 625 9.72 33.10 11.43
CA VAL A 625 9.00 31.88 11.00
C VAL A 625 8.91 30.87 12.15
N ILE A 626 10.06 30.48 12.68
CA ILE A 626 10.13 29.66 13.92
C ILE A 626 9.38 30.35 15.07
N SER A 627 9.38 31.68 15.04
CA SER A 627 8.55 32.51 15.91
C SER A 627 7.07 32.27 15.63
N GLN A 628 6.68 32.42 14.36
CA GLN A 628 5.31 32.15 13.94
C GLN A 628 4.87 30.71 14.25
N LEU A 629 5.76 29.73 14.05
CA LEU A 629 5.41 28.32 14.30
C LEU A 629 5.19 28.05 15.79
N LYS A 630 6.20 28.35 16.60
CA LYS A 630 6.11 28.18 18.07
C LYS A 630 4.81 28.79 18.57
N GLN A 631 4.46 29.95 18.02
CA GLN A 631 3.22 30.64 18.39
C GLN A 631 1.96 29.80 18.16
N LYS A 632 1.72 29.39 16.92
CA LYS A 632 0.51 28.59 16.58
C LYS A 632 0.36 27.34 17.43
N LEU A 633 1.48 26.69 17.74
CA LEU A 633 1.49 25.43 18.50
C LEU A 633 1.05 25.64 19.95
N GLU A 634 1.49 26.76 20.54
CA GLU A 634 0.95 27.26 21.82
C GLU A 634 -0.49 27.73 21.62
N ASN A 635 -0.72 28.58 20.62
CA ASN A 635 -2.06 29.07 20.27
C ASN A 635 -3.04 27.95 19.87
N LEU A 636 -2.57 26.71 19.99
CA LEU A 636 -3.31 25.50 19.58
C LEU A 636 -3.38 24.41 20.65
N GLN A 637 -2.57 24.52 21.71
CA GLN A 637 -2.40 23.41 22.69
C GLN A 637 -3.50 23.08 23.76
N ASN A 638 -3.98 23.98 24.63
CA ASN A 638 -3.91 25.45 24.56
C ASN A 638 -4.90 25.99 23.52
N SER A 639 -5.99 25.24 23.34
CA SER A 639 -7.21 25.70 22.66
C SER A 639 -8.35 24.63 22.73
N GLN A 640 -8.60 23.64 21.84
CA GLN A 640 -8.08 23.31 20.46
C GLN A 640 -7.73 21.80 20.33
N LEU A 641 -6.48 21.45 20.69
CA LEU A 641 -5.89 20.12 20.49
C LEU A 641 -6.26 19.14 21.62
N PRO A 642 -6.66 17.89 21.26
CA PRO A 642 -6.93 16.81 22.21
C PRO A 642 -5.83 16.51 23.21
N GLU A 643 -6.27 16.18 24.43
CA GLU A 643 -5.42 15.70 25.53
C GLU A 643 -4.54 14.50 25.16
N SER A 644 -4.99 13.73 24.16
CA SER A 644 -4.23 12.60 23.59
C SER A 644 -4.88 11.97 22.33
N PHE A 645 -4.05 11.72 21.30
CA PHE A 645 -4.43 11.01 20.07
C PHE A 645 -3.55 9.82 19.71
N ARG A 646 -4.17 8.86 19.04
CA ARG A 646 -3.47 7.68 18.63
C ARG A 646 -2.66 8.06 17.44
N VAL A 647 -1.41 7.57 17.41
CA VAL A 647 -0.51 7.90 16.32
C VAL A 647 -0.99 7.03 15.16
N PRO A 648 -1.41 7.65 14.03
CA PRO A 648 -1.75 6.81 12.86
C PRO A 648 -0.39 6.43 12.34
N TYR A 649 -0.23 5.38 11.59
CA TYR A 649 1.12 4.89 11.27
C TYR A 649 1.63 4.00 12.40
N ASP A 650 1.19 4.22 13.63
CA ASP A 650 1.54 3.33 14.75
C ASP A 650 0.49 3.33 15.85
N PRO A 651 -0.65 2.68 15.58
CA PRO A 651 -1.83 2.68 16.51
C PRO A 651 -1.61 2.25 18.00
N GLY A 652 -0.53 1.55 18.33
CA GLY A 652 -0.18 1.31 19.74
C GLY A 652 0.26 2.53 20.56
N LEU A 653 1.10 3.37 19.97
CA LEU A 653 1.51 4.64 20.59
C LEU A 653 0.35 5.64 20.68
N LYS A 654 0.31 6.39 21.79
CA LYS A 654 -0.61 7.51 21.97
C LYS A 654 0.21 8.75 22.36
N ALA A 655 0.11 9.78 21.53
CA ALA A 655 0.69 11.07 21.75
C ALA A 655 -0.25 11.89 22.63
N GLY A 656 0.37 12.75 23.46
CA GLY A 656 -0.35 13.70 24.31
C GLY A 656 0.04 15.10 23.88
N ALA A 657 0.78 15.80 24.74
CA ALA A 657 1.01 17.23 24.56
C ALA A 657 2.26 17.51 23.74
N LEU A 658 2.22 18.54 22.90
CA LEU A 658 3.38 18.89 22.12
C LEU A 658 4.59 19.28 23.01
N ALA A 659 5.77 19.30 22.41
CA ALA A 659 7.01 19.70 23.07
C ALA A 659 7.47 20.91 22.31
N ILE A 660 6.62 21.93 22.32
CA ILE A 660 6.79 23.15 21.54
C ILE A 660 8.24 23.49 21.15
N GLU A 661 9.14 23.45 22.12
CA GLU A 661 10.56 23.83 21.94
C GLU A 661 11.42 22.86 21.10
N LYS A 662 10.94 21.63 20.93
CA LYS A 662 11.62 20.66 20.06
C LYS A 662 11.12 20.77 18.63
N CYS A 663 9.91 21.31 18.47
CA CYS A 663 9.26 21.55 17.17
C CYS A 663 9.98 22.56 16.25
N LYS A 664 10.03 22.28 14.94
CA LYS A 664 10.63 23.19 13.96
C LYS A 664 10.23 22.98 12.48
N VAL A 665 10.57 23.93 11.64
CA VAL A 665 10.30 23.87 10.23
C VAL A 665 11.63 23.48 9.62
N MET A 666 11.58 22.69 8.57
CA MET A 666 12.70 21.84 8.21
C MET A 666 13.42 22.47 7.04
N ALA A 667 14.75 22.42 7.10
CA ALA A 667 15.70 22.79 6.05
C ALA A 667 15.43 22.21 4.67
N SER A 668 14.21 22.41 4.17
CA SER A 668 13.77 21.83 2.91
C SER A 668 12.88 22.77 2.13
N LYS A 669 13.09 22.83 0.82
CA LYS A 669 12.19 23.55 -0.08
C LYS A 669 10.69 23.30 0.26
N LYS A 670 10.40 22.15 0.88
CA LYS A 670 9.01 21.74 1.16
C LYS A 670 8.49 22.31 2.46
N LYS A 671 9.41 22.80 3.29
CA LYS A 671 9.10 23.34 4.61
C LYS A 671 8.18 22.41 5.48
N PRO A 672 8.60 21.14 5.69
CA PRO A 672 7.84 20.24 6.50
C PRO A 672 7.90 20.69 7.93
N LEU A 673 6.90 20.37 8.75
CA LEU A 673 6.99 20.53 10.19
C LEU A 673 7.65 19.28 10.76
N TRP A 674 8.43 19.48 11.82
CA TRP A 674 9.06 18.46 12.64
C TRP A 674 8.46 18.66 13.99
N LEU A 675 7.44 17.88 14.31
CA LEU A 675 6.76 17.92 15.56
C LEU A 675 7.16 16.79 16.51
N GLU A 676 7.06 17.08 17.82
CA GLU A 676 7.40 16.14 18.86
C GLU A 676 6.33 16.22 19.92
N PHE A 677 5.98 15.07 20.49
CA PHE A 677 4.95 14.97 21.48
C PHE A 677 5.49 14.20 22.66
N LYS A 678 4.87 14.47 23.81
CA LYS A 678 5.00 13.65 25.02
C LYS A 678 4.04 12.49 24.82
N CYS A 679 4.47 11.31 25.27
CA CYS A 679 3.70 10.09 25.15
C CYS A 679 2.73 10.01 26.33
N ALA A 680 1.44 10.09 26.05
CA ALA A 680 0.45 10.19 27.09
C ALA A 680 0.33 8.97 28.04
N ASP A 681 1.22 7.98 27.90
CA ASP A 681 1.22 6.77 28.75
C ASP A 681 2.25 6.90 29.88
N PRO A 682 1.77 7.06 31.14
CA PRO A 682 2.68 7.14 32.29
C PRO A 682 3.51 5.89 32.46
N THR A 683 2.88 4.74 32.19
CA THR A 683 3.55 3.45 32.26
C THR A 683 4.67 3.25 31.20
N ALA A 684 4.94 4.26 30.37
CA ALA A 684 5.99 4.15 29.35
C ALA A 684 7.38 4.13 29.99
N LEU A 685 8.25 3.24 29.52
CA LEU A 685 9.53 3.03 30.24
C LEU A 685 10.64 3.99 29.84
N SER A 686 10.32 4.90 28.93
CA SER A 686 11.22 6.01 28.61
C SER A 686 10.55 7.35 28.83
N ASN A 687 11.20 8.40 28.35
CA ASN A 687 10.60 9.72 28.18
C ASN A 687 11.01 10.28 26.82
N GLU A 688 11.55 9.39 26.00
CA GLU A 688 11.69 9.64 24.59
C GLU A 688 10.37 10.12 23.99
N THR A 689 10.50 10.70 22.82
CA THR A 689 9.48 11.58 22.34
C THR A 689 8.85 10.98 21.09
N ILE A 690 7.60 11.31 20.85
CA ILE A 690 6.95 10.88 19.63
C ILE A 690 7.05 12.00 18.57
N GLY A 691 7.86 11.76 17.54
CA GLY A 691 8.07 12.71 16.46
C GLY A 691 7.34 12.41 15.17
N ILE A 692 6.58 13.39 14.70
CA ILE A 692 5.85 13.31 13.44
C ILE A 692 6.25 14.48 12.56
N ILE A 693 6.74 14.20 11.35
CA ILE A 693 6.95 15.15 10.28
C ILE A 693 5.68 15.30 9.45
N PHE A 694 4.97 16.42 9.57
CA PHE A 694 3.91 16.82 8.61
C PHE A 694 4.43 17.57 7.35
N LYS A 695 4.06 17.09 6.16
CA LYS A 695 4.53 17.71 4.94
C LYS A 695 3.50 17.85 3.79
N HIS A 696 3.42 19.08 3.24
CA HIS A 696 2.76 19.38 1.96
C HIS A 696 3.78 19.48 0.84
N GLY A 697 3.42 19.01 -0.37
CA GLY A 697 4.32 19.14 -1.51
C GLY A 697 4.59 17.86 -2.26
N ASP A 698 4.62 16.74 -1.52
CA ASP A 698 4.91 15.43 -2.12
C ASP A 698 3.71 14.51 -2.08
N ASP A 699 3.63 13.67 -3.09
CA ASP A 699 2.68 12.56 -3.13
C ASP A 699 3.23 11.39 -2.28
N LEU A 700 2.66 11.28 -1.09
CA LEU A 700 3.12 10.35 -0.09
C LEU A 700 2.42 8.98 -0.26
N ARG A 701 1.40 8.93 -1.07
CA ARG A 701 0.85 7.67 -1.57
C ARG A 701 1.89 6.81 -2.25
N GLN A 702 2.77 7.43 -3.01
CA GLN A 702 3.92 6.74 -3.64
C GLN A 702 4.91 6.17 -2.59
N ASP A 703 5.27 6.98 -1.60
CA ASP A 703 6.02 6.55 -0.47
C ASP A 703 5.34 5.37 0.22
N MET A 704 4.09 5.50 0.64
CA MET A 704 3.35 4.37 1.22
C MET A 704 3.51 3.09 0.43
N LEU A 705 3.24 3.14 -0.85
CA LEU A 705 3.28 1.97 -1.73
C LEU A 705 4.62 1.26 -1.70
N ILE A 706 5.69 2.04 -1.72
CA ILE A 706 7.10 1.55 -1.72
C ILE A 706 7.45 0.98 -0.36
N LEU A 707 7.07 1.69 0.69
CA LEU A 707 7.36 1.29 2.03
C LEU A 707 6.70 -0.12 2.38
N GLN A 708 5.59 -0.39 1.73
CA GLN A 708 4.82 -1.56 1.99
C GLN A 708 5.44 -2.72 1.16
N ILE A 709 5.70 -2.52 -0.11
CA ILE A 709 6.64 -3.40 -0.83
C ILE A 709 7.91 -3.79 -0.08
N LEU A 710 8.48 -2.87 0.71
CA LEU A 710 9.69 -3.15 1.50
C LEU A 710 9.52 -4.04 2.76
N ARG A 711 8.42 -3.86 3.47
CA ARG A 711 7.97 -4.74 4.51
C ARG A 711 7.70 -6.18 3.99
N ILE A 712 7.22 -6.27 2.78
CA ILE A 712 6.93 -7.52 2.16
C ILE A 712 8.23 -8.26 1.85
N MET A 713 9.22 -7.49 1.44
CA MET A 713 10.50 -7.95 1.02
C MET A 713 11.24 -8.49 2.18
N GLU A 714 11.08 -7.82 3.33
CA GLU A 714 11.55 -8.29 4.61
C GLU A 714 10.86 -9.59 5.15
N SER A 715 9.60 -9.80 4.80
CA SER A 715 8.94 -11.05 5.10
C SER A 715 9.48 -12.17 4.19
N ILE A 716 9.65 -11.89 2.90
CA ILE A 716 10.29 -12.81 2.00
C ILE A 716 11.63 -13.23 2.56
N TRP A 717 12.39 -12.24 3.06
CA TRP A 717 13.68 -12.52 3.64
C TRP A 717 13.64 -13.30 4.92
N GLU A 718 12.61 -13.09 5.74
CA GLU A 718 12.42 -13.81 6.98
C GLU A 718 12.16 -15.33 6.77
N THR A 719 11.45 -15.67 5.69
CA THR A 719 11.11 -17.07 5.35
C THR A 719 12.37 -17.92 5.07
N GLU A 720 13.47 -17.23 4.79
CA GLU A 720 14.73 -17.83 4.44
C GLU A 720 15.77 -17.35 5.43
N SER A 721 15.28 -16.97 6.62
CA SER A 721 16.12 -16.66 7.79
C SER A 721 17.17 -15.50 7.61
N LEU A 722 16.87 -14.53 6.74
CA LEU A 722 17.71 -13.33 6.53
C LEU A 722 17.12 -12.06 7.17
N ASP A 723 17.95 -11.24 7.79
CA ASP A 723 17.51 -9.93 8.35
C ASP A 723 18.35 -8.82 7.70
N LEU A 724 17.73 -8.10 6.75
CA LEU A 724 18.46 -7.04 6.06
C LEU A 724 18.28 -5.67 6.68
N CYS A 725 17.61 -5.63 7.82
CA CYS A 725 17.53 -4.47 8.67
C CYS A 725 17.01 -3.20 7.96
N LEU A 726 15.89 -3.31 7.25
CA LEU A 726 15.33 -2.12 6.60
C LEU A 726 14.78 -1.31 7.73
N LEU A 727 14.70 0.01 7.56
CA LEU A 727 13.78 0.84 8.41
C LEU A 727 12.64 1.41 7.55
N PRO A 728 11.54 0.64 7.38
CA PRO A 728 10.43 1.13 6.58
C PRO A 728 9.53 1.95 7.47
N TYR A 729 9.85 3.24 7.58
CA TYR A 729 9.23 4.21 8.49
C TYR A 729 7.76 4.41 8.17
N GLY A 730 6.98 4.72 9.19
CA GLY A 730 5.57 5.07 9.07
C GLY A 730 5.36 6.33 8.26
N CYS A 731 4.29 6.33 7.53
CA CYS A 731 4.04 7.30 6.52
C CYS A 731 2.58 7.12 6.15
N ILE A 732 1.70 7.98 6.66
CA ILE A 732 0.27 8.03 6.22
C ILE A 732 0.02 9.22 5.31
N SER A 733 -0.43 8.94 4.08
CA SER A 733 -0.96 9.98 3.17
C SER A 733 -2.29 10.44 3.69
N THR A 734 -2.52 11.76 3.63
CA THR A 734 -3.76 12.32 4.25
C THR A 734 -4.71 13.10 3.32
N GLY A 735 -4.19 13.63 2.23
CA GLY A 735 -4.94 14.44 1.29
C GLY A 735 -3.99 14.81 0.15
N ASP A 736 -4.50 15.54 -0.86
CA ASP A 736 -3.70 16.02 -2.05
C ASP A 736 -2.31 16.57 -1.67
N LYS A 737 -1.26 15.83 -2.06
CA LYS A 737 0.15 16.15 -1.81
C LYS A 737 0.53 16.50 -0.37
N ILE A 738 -0.16 15.87 0.57
CA ILE A 738 0.01 16.13 2.00
C ILE A 738 -0.06 14.83 2.86
N GLY A 739 0.74 14.77 3.91
CA GLY A 739 0.52 13.82 4.99
C GLY A 739 1.63 13.75 6.01
N MET A 740 1.69 12.62 6.71
CA MET A 740 2.56 12.47 7.84
C MET A 740 3.65 11.39 7.68
N ILE A 741 4.77 11.63 8.36
CA ILE A 741 5.94 10.77 8.29
C ILE A 741 6.52 10.59 9.67
N GLU A 742 6.94 9.35 9.95
CA GLU A 742 7.56 9.02 11.23
C GLU A 742 8.98 9.56 11.28
N ILE A 743 9.28 10.22 12.40
CA ILE A 743 10.64 10.61 12.77
C ILE A 743 11.45 9.43 13.34
N VAL A 744 12.37 8.94 12.56
CA VAL A 744 13.35 8.01 13.08
C VAL A 744 14.32 8.74 14.00
N LYS A 745 14.40 8.16 15.20
CA LYS A 745 15.26 8.59 16.29
C LYS A 745 16.75 8.41 15.99
N ASP A 746 17.52 9.32 16.56
CA ASP A 746 18.99 9.48 16.38
C ASP A 746 19.45 9.16 14.97
N ALA A 747 18.93 9.87 14.00
CA ALA A 747 19.15 9.63 12.59
C ALA A 747 19.56 10.91 11.89
N THR A 748 20.49 10.77 10.97
CA THR A 748 20.94 11.91 10.27
C THR A 748 21.14 11.48 8.82
N THR A 749 20.81 12.42 7.95
CA THR A 749 21.01 12.29 6.52
C THR A 749 22.48 12.14 6.25
N ILE A 750 22.81 11.59 5.11
CA ILE A 750 24.20 11.29 4.79
C ILE A 750 24.90 12.45 4.10
N ALA A 751 24.11 13.40 3.60
CA ALA A 751 24.59 14.71 3.09
C ALA A 751 25.10 15.56 4.25
N LYS A 752 24.21 15.81 5.22
CA LYS A 752 24.52 16.50 6.50
C LYS A 752 25.82 16.00 7.18
N ILE A 753 26.06 14.68 7.11
CA ILE A 753 27.27 14.06 7.67
C ILE A 753 28.52 14.51 6.89
N GLN A 754 28.41 14.53 5.56
CA GLN A 754 29.49 14.97 4.70
C GLN A 754 29.76 16.49 4.77
N GLN A 755 28.70 17.30 4.94
CA GLN A 755 28.86 18.75 5.11
C GLN A 755 29.28 19.05 6.56
N SER A 756 30.44 18.55 6.92
CA SER A 756 30.85 18.45 8.33
C SER A 756 31.76 19.63 8.72
N THR A 757 32.82 19.31 9.48
CA THR A 757 34.08 20.08 9.52
C THR A 757 34.51 20.51 8.09
N VAL A 758 34.04 19.76 7.09
CA VAL A 758 34.15 20.13 5.67
C VAL A 758 33.48 21.49 5.38
N GLY A 759 32.15 21.48 5.22
CA GLY A 759 31.39 22.65 4.78
C GLY A 759 30.61 22.41 3.49
N ASN A 760 30.03 23.49 2.96
CA ASN A 760 28.93 23.40 1.97
C ASN A 760 29.32 23.01 0.51
N THR A 761 29.57 24.01 -0.34
CA THR A 761 29.63 23.84 -1.83
C THR A 761 30.68 22.83 -2.36
N GLY A 762 31.41 22.19 -1.45
CA GLY A 762 32.28 21.02 -1.74
C GLY A 762 32.14 20.01 -0.59
N ALA A 763 32.43 18.73 -0.82
CA ALA A 763 33.18 18.20 -1.97
C ALA A 763 33.16 16.64 -2.04
N PHE A 764 32.80 16.01 -0.91
CA PHE A 764 32.70 14.54 -0.70
C PHE A 764 34.05 13.81 -0.48
N LYS A 765 34.47 13.61 0.77
CA LYS A 765 35.63 12.73 1.06
C LYS A 765 35.21 11.38 1.69
N ASP A 766 36.01 10.34 1.41
CA ASP A 766 35.62 8.93 1.61
C ASP A 766 35.51 8.41 3.05
N GLU A 767 36.15 9.06 4.02
CA GLU A 767 35.94 8.68 5.43
C GLU A 767 34.68 9.42 5.93
N VAL A 768 34.78 10.12 7.05
CA VAL A 768 33.69 10.95 7.60
C VAL A 768 32.56 10.10 8.16
N LEU A 769 32.03 9.20 7.33
CA LEU A 769 30.96 8.28 7.77
C LEU A 769 31.52 7.35 8.82
N ASN A 770 32.76 6.91 8.62
CA ASN A 770 33.46 6.11 9.62
C ASN A 770 33.73 6.84 10.95
N HIS A 771 34.10 8.13 10.84
CA HIS A 771 34.45 8.94 12.01
C HIS A 771 33.22 9.18 12.86
N TRP A 772 32.21 9.74 12.20
CA TRP A 772 30.85 9.89 12.73
C TRP A 772 30.37 8.57 13.36
N LEU A 773 30.59 7.45 12.69
CA LEU A 773 30.23 6.17 13.28
C LEU A 773 30.96 5.89 14.63
N LYS A 774 32.27 6.14 14.69
CA LYS A 774 33.01 5.96 15.97
C LYS A 774 32.67 7.07 16.97
N GLU A 775 32.54 8.29 16.45
CA GLU A 775 32.13 9.47 17.24
C GLU A 775 30.84 9.22 18.02
N LYS A 776 29.99 8.37 17.44
CA LYS A 776 28.65 8.13 17.94
C LYS A 776 28.51 6.91 18.81
N SER A 777 29.52 6.02 18.78
CA SER A 777 29.53 4.72 19.52
C SER A 777 30.42 4.76 20.80
N PRO A 778 29.78 4.81 21.99
CA PRO A 778 30.39 4.89 23.33
C PRO A 778 31.52 3.88 23.65
N THR A 779 31.41 2.68 23.07
CA THR A 779 32.42 1.63 23.23
C THR A 779 32.76 1.07 21.84
N GLU A 780 33.96 0.51 21.69
CA GLU A 780 34.39 -0.09 20.41
C GLU A 780 33.53 -1.32 20.06
N GLU A 781 32.80 -1.80 21.06
CA GLU A 781 31.80 -2.82 20.85
C GLU A 781 30.68 -2.22 20.02
N LYS A 782 30.01 -1.23 20.62
CA LYS A 782 28.88 -0.56 20.01
C LYS A 782 29.22 -0.16 18.59
N PHE A 783 30.43 0.37 18.38
CA PHE A 783 30.92 0.69 17.04
C PHE A 783 30.80 -0.50 16.11
N GLN A 784 31.24 -1.67 16.55
CA GLN A 784 31.33 -2.82 15.67
C GLN A 784 29.93 -3.41 15.37
N ALA A 785 29.08 -3.43 16.39
CA ALA A 785 27.64 -3.67 16.23
C ALA A 785 27.04 -2.71 15.15
N ALA A 786 27.49 -1.46 15.12
CA ALA A 786 27.10 -0.49 14.10
C ALA A 786 27.61 -0.78 12.67
N VAL A 787 28.88 -1.12 12.54
CA VAL A 787 29.44 -1.43 11.21
C VAL A 787 28.80 -2.69 10.63
N GLU A 788 28.27 -3.50 11.54
CA GLU A 788 27.60 -4.75 11.21
C GLU A 788 26.23 -4.43 10.63
N ARG A 789 25.44 -3.73 11.43
CA ARG A 789 24.17 -3.13 11.04
C ARG A 789 24.24 -2.40 9.71
N PHE A 790 25.37 -1.74 9.45
CA PHE A 790 25.56 -1.00 8.21
C PHE A 790 25.70 -1.88 7.00
N VAL A 791 26.36 -3.01 7.18
CA VAL A 791 26.62 -3.94 6.09
C VAL A 791 25.34 -4.64 5.69
N TYR A 792 24.52 -4.95 6.70
CA TYR A 792 23.20 -5.58 6.49
C TYR A 792 22.21 -4.59 5.83
N SER A 793 22.01 -3.45 6.49
CA SER A 793 21.01 -2.43 6.07
C SER A 793 21.41 -1.82 4.76
N CYS A 794 22.71 -1.62 4.59
CA CYS A 794 23.27 -1.31 3.25
C CYS A 794 22.84 -2.29 2.16
N ALA A 795 23.00 -3.56 2.45
CA ALA A 795 22.73 -4.65 1.49
C ALA A 795 21.26 -4.71 1.08
N GLY A 796 20.41 -4.77 2.10
CA GLY A 796 18.94 -4.67 1.98
C GLY A 796 18.48 -3.55 1.09
N TYR A 797 18.93 -2.34 1.38
CA TYR A 797 18.57 -1.17 0.53
C TYR A 797 19.14 -1.15 -0.87
N CYS A 798 20.25 -1.81 -1.13
CA CYS A 798 20.76 -1.90 -2.49
C CYS A 798 19.99 -2.89 -3.28
N VAL A 799 19.65 -4.03 -2.68
CA VAL A 799 18.83 -5.03 -3.41
C VAL A 799 17.44 -4.50 -3.79
N ALA A 800 16.77 -4.04 -2.73
CA ALA A 800 15.42 -3.52 -2.71
C ALA A 800 15.30 -2.44 -3.74
N THR A 801 16.14 -1.45 -3.63
CA THR A 801 16.07 -0.29 -4.54
C THR A 801 16.44 -0.63 -5.94
N PHE A 802 17.38 -1.51 -6.13
CA PHE A 802 17.68 -1.95 -7.55
C PHE A 802 16.52 -2.67 -8.24
N VAL A 803 15.87 -3.52 -7.48
CA VAL A 803 14.70 -4.26 -7.96
C VAL A 803 13.48 -3.37 -8.29
N LEU A 804 13.22 -2.41 -7.42
CA LEU A 804 12.19 -1.40 -7.60
C LEU A 804 12.66 -0.30 -8.54
N GLY A 805 13.92 -0.34 -8.96
CA GLY A 805 14.42 0.60 -9.96
C GLY A 805 14.53 2.02 -9.46
N ILE A 806 14.66 2.20 -8.15
CA ILE A 806 14.70 3.51 -7.46
C ILE A 806 16.05 3.66 -6.70
N GLY A 807 17.08 3.07 -7.33
CA GLY A 807 18.42 2.99 -6.80
C GLY A 807 19.27 4.25 -6.93
N ASP A 808 19.18 4.91 -8.08
CA ASP A 808 19.88 6.22 -8.35
C ASP A 808 19.38 7.43 -7.54
N ARG A 809 19.86 7.55 -6.32
CA ARG A 809 19.37 8.53 -5.36
C ARG A 809 20.50 9.40 -4.84
N HIS A 810 20.20 10.67 -4.55
CA HIS A 810 21.16 11.61 -4.03
C HIS A 810 21.18 11.47 -2.53
N ASN A 811 22.35 11.61 -1.92
CA ASN A 811 22.54 11.26 -0.48
C ASN A 811 21.94 12.16 0.58
N ASP A 812 21.24 13.21 0.20
CA ASP A 812 20.39 13.94 1.13
C ASP A 812 19.06 13.16 1.35
N ASN A 813 18.86 12.18 0.47
CA ASN A 813 17.75 11.21 0.54
C ASN A 813 18.15 9.85 1.15
N ILE A 814 19.36 9.74 1.69
CA ILE A 814 19.76 8.51 2.37
C ILE A 814 20.15 8.87 3.77
N MET A 815 19.54 8.21 4.75
CA MET A 815 19.89 8.41 6.14
C MET A 815 20.69 7.26 6.77
N ILE A 816 21.11 7.44 8.02
CA ILE A 816 21.78 6.41 8.83
C ILE A 816 21.50 6.69 10.29
N THR A 817 21.19 5.68 11.09
CA THR A 817 21.07 5.95 12.55
C THR A 817 22.43 5.90 13.26
N GLU A 818 22.45 6.41 14.49
CA GLU A 818 23.65 6.38 15.31
C GLU A 818 24.19 4.95 15.47
N THR A 819 23.31 3.94 15.32
CA THR A 819 23.69 2.50 15.50
C THR A 819 24.00 1.75 14.17
N GLY A 820 24.28 2.48 13.10
CA GLY A 820 24.67 1.91 11.81
C GLY A 820 23.57 1.56 10.82
N ASN A 821 22.30 1.82 11.14
CA ASN A 821 21.23 1.46 10.21
C ASN A 821 21.00 2.43 9.05
N LEU A 822 21.45 2.06 7.86
CA LEU A 822 21.17 2.86 6.66
C LEU A 822 19.63 2.77 6.32
N PHE A 823 19.09 3.83 5.71
CA PHE A 823 17.74 3.82 5.15
C PHE A 823 17.47 4.99 4.20
N HIS A 824 17.01 4.67 3.00
CA HIS A 824 16.47 5.63 2.04
C HIS A 824 15.19 6.28 2.52
N ILE A 825 15.01 7.54 2.12
CA ILE A 825 13.82 8.32 2.46
C ILE A 825 13.31 9.00 1.25
N ASP A 826 12.16 9.65 1.35
CA ASP A 826 11.56 10.47 0.27
C ASP A 826 11.35 9.83 -1.10
N PHE A 827 10.48 8.84 -1.21
CA PHE A 827 10.32 8.13 -2.48
C PHE A 827 9.43 8.89 -3.46
N GLY A 828 8.55 9.75 -2.92
CA GLY A 828 8.30 11.12 -3.43
C GLY A 828 7.90 11.54 -4.83
N HIS A 829 8.75 11.47 -5.88
CA HIS A 829 10.28 11.53 -5.91
C HIS A 829 10.97 10.37 -6.70
N ILE A 830 10.48 9.79 -7.73
CA ILE A 830 9.29 10.53 -8.16
C ILE A 830 8.15 9.60 -8.52
N GLU A 843 24.54 9.94 -16.90
CA GLU A 843 25.31 8.79 -16.42
C GLU A 843 24.57 8.07 -15.26
N ARG A 844 24.37 6.76 -15.40
CA ARG A 844 23.52 5.99 -14.46
C ARG A 844 24.26 5.03 -13.49
N VAL A 845 23.85 5.10 -12.22
CA VAL A 845 24.26 4.18 -11.15
C VAL A 845 23.06 3.22 -10.80
N PRO A 846 23.30 1.90 -10.58
CA PRO A 846 22.20 0.99 -10.21
C PRO A 846 21.69 1.19 -8.80
N PHE A 847 22.60 1.52 -7.89
CA PHE A 847 22.26 1.91 -6.51
C PHE A 847 23.31 2.88 -5.91
N VAL A 848 23.11 3.31 -4.67
CA VAL A 848 24.07 4.20 -4.03
C VAL A 848 24.97 3.36 -3.14
N LEU A 849 26.09 2.95 -3.72
CA LEU A 849 27.20 2.40 -2.98
C LEU A 849 28.33 3.33 -3.35
N THR A 850 28.52 4.35 -2.50
CA THR A 850 29.58 5.34 -2.66
C THR A 850 30.83 4.99 -1.80
N PRO A 851 32.01 5.49 -2.22
CA PRO A 851 33.24 5.34 -1.44
C PRO A 851 33.07 5.48 0.06
N ASP A 852 32.27 6.41 0.54
CA ASP A 852 32.09 6.57 1.99
C ASP A 852 31.41 5.38 2.72
N PHE A 853 30.66 4.58 1.97
CA PHE A 853 29.99 3.37 2.49
C PHE A 853 31.05 2.26 2.51
N LEU A 854 31.74 2.12 1.38
CA LEU A 854 32.86 1.16 1.21
C LEU A 854 33.91 1.28 2.34
N PHE A 855 34.54 2.44 2.47
CA PHE A 855 35.20 2.83 3.72
C PHE A 855 34.17 2.72 4.85
N VAL A 856 34.46 1.96 5.89
CA VAL A 856 33.47 1.50 6.91
C VAL A 856 33.35 -0.01 6.72
N MET A 857 33.24 -0.42 5.46
CA MET A 857 33.33 -1.84 5.10
C MET A 857 34.80 -2.23 5.14
N GLY A 858 35.65 -1.32 4.66
CA GLY A 858 37.10 -1.42 4.80
C GLY A 858 37.81 -1.76 3.50
N THR A 859 37.45 -1.07 2.41
CA THR A 859 38.09 -1.30 1.10
C THR A 859 38.25 -0.04 0.24
N SER A 860 39.19 0.82 0.64
CA SER A 860 39.75 1.85 -0.26
C SER A 860 40.80 1.18 -1.13
N GLY A 861 40.67 1.21 -2.45
CA GLY A 861 39.48 1.68 -3.17
C GLY A 861 39.38 0.84 -4.42
N LYS A 862 39.55 -0.46 -4.23
CA LYS A 862 39.70 -1.44 -5.32
C LYS A 862 40.57 -2.56 -4.73
N LYS A 863 39.93 -3.40 -3.92
CA LYS A 863 40.61 -4.52 -3.28
C LYS A 863 39.57 -5.60 -2.94
N THR A 864 39.37 -5.81 -1.64
CA THR A 864 38.45 -6.78 -1.06
C THR A 864 38.41 -6.40 0.39
N SER A 865 37.45 -6.89 1.14
CA SER A 865 37.51 -6.77 2.60
C SER A 865 36.80 -7.94 3.23
N PRO A 866 37.15 -8.28 4.48
CA PRO A 866 36.28 -9.12 5.30
C PRO A 866 34.81 -8.62 5.33
N HIS A 867 34.62 -7.29 5.44
CA HIS A 867 33.26 -6.73 5.53
C HIS A 867 32.59 -6.42 4.17
N PHE A 868 33.38 -6.09 3.13
CA PHE A 868 32.88 -5.97 1.76
C PHE A 868 32.44 -7.31 1.20
N GLN A 869 33.24 -8.33 1.51
CA GLN A 869 33.00 -9.72 1.05
C GLN A 869 31.68 -10.22 1.62
N LYS A 870 31.53 -10.00 2.91
CA LYS A 870 30.26 -10.16 3.67
C LYS A 870 29.09 -9.38 3.02
N PHE A 871 29.17 -8.05 2.95
CA PHE A 871 28.22 -7.24 2.18
C PHE A 871 27.82 -7.87 0.83
N GLN A 872 28.83 -8.29 0.04
CA GLN A 872 28.64 -8.90 -1.29
C GLN A 872 27.89 -10.20 -1.16
N ASP A 873 28.26 -10.93 -0.13
CA ASP A 873 27.66 -12.21 0.24
C ASP A 873 26.17 -11.96 0.58
N ILE A 874 25.92 -11.06 1.53
CA ILE A 874 24.55 -10.76 1.97
C ILE A 874 23.64 -10.29 0.82
N CYS A 875 24.12 -9.39 -0.04
CA CYS A 875 23.38 -8.99 -1.27
C CYS A 875 22.92 -10.14 -2.16
N VAL A 876 23.82 -11.10 -2.36
CA VAL A 876 23.58 -12.30 -3.21
C VAL A 876 22.55 -13.24 -2.57
N LYS A 877 22.68 -13.45 -1.28
CA LYS A 877 21.67 -14.19 -0.57
C LYS A 877 20.26 -13.58 -0.84
N ALA A 878 20.15 -12.26 -0.64
CA ALA A 878 18.86 -11.56 -0.50
C ALA A 878 18.24 -11.37 -1.86
N TYR A 879 19.10 -11.11 -2.83
CA TYR A 879 18.67 -11.02 -4.22
C TYR A 879 17.99 -12.30 -4.69
N LEU A 880 18.69 -13.43 -4.48
CA LEU A 880 18.18 -14.75 -4.79
C LEU A 880 16.95 -15.09 -3.95
N ALA A 881 16.88 -14.63 -2.72
CA ALA A 881 15.65 -14.78 -1.93
C ALA A 881 14.45 -14.17 -2.70
N LEU A 882 14.68 -13.01 -3.34
CA LEU A 882 13.57 -12.26 -3.95
C LEU A 882 13.08 -12.93 -5.20
N ARG A 883 14.01 -13.45 -6.01
CA ARG A 883 13.71 -14.10 -7.29
C ARG A 883 12.92 -15.41 -7.10
N HIS A 884 12.97 -15.98 -5.91
CA HIS A 884 12.11 -17.11 -5.55
C HIS A 884 10.65 -16.69 -5.53
N HIS A 885 10.42 -15.36 -5.52
CA HIS A 885 9.11 -14.77 -5.27
C HIS A 885 8.84 -13.77 -6.38
N THR A 886 9.40 -14.12 -7.53
CA THR A 886 9.46 -13.27 -8.68
C THR A 886 8.09 -12.81 -9.17
N ASN A 887 7.20 -13.77 -9.34
CA ASN A 887 5.84 -13.53 -9.74
C ASN A 887 5.01 -12.63 -8.77
N LEU A 888 5.14 -12.86 -7.47
CA LEU A 888 4.63 -11.94 -6.47
C LEU A 888 5.19 -10.53 -6.54
N LEU A 889 6.50 -10.40 -6.72
CA LEU A 889 7.09 -9.05 -6.80
C LEU A 889 6.61 -8.30 -8.03
N ILE A 890 6.45 -9.01 -9.14
CA ILE A 890 6.06 -8.45 -10.39
C ILE A 890 4.62 -7.88 -10.47
N ILE A 891 3.67 -8.53 -9.81
CA ILE A 891 2.27 -8.13 -9.70
C ILE A 891 2.12 -6.94 -8.74
N LEU A 892 2.87 -6.95 -7.67
CA LEU A 892 2.93 -5.84 -6.79
C LEU A 892 3.45 -4.54 -7.43
N PHE A 893 4.51 -4.68 -8.22
CA PHE A 893 5.20 -3.58 -8.89
C PHE A 893 4.29 -3.05 -9.98
N SER A 894 3.66 -3.94 -10.70
CA SER A 894 2.75 -3.61 -11.75
C SER A 894 1.44 -2.88 -11.28
N MET A 895 0.91 -3.22 -10.11
CA MET A 895 -0.27 -2.61 -9.51
C MET A 895 0.17 -1.33 -8.90
N MET A 896 1.36 -1.37 -8.33
CA MET A 896 1.96 -0.19 -7.77
C MET A 896 1.91 0.91 -8.76
N LEU A 897 2.40 0.63 -9.97
CA LEU A 897 2.51 1.62 -11.03
C LEU A 897 1.16 2.08 -11.55
N MET A 898 0.23 1.17 -11.71
CA MET A 898 -1.05 1.51 -12.22
C MET A 898 -1.98 2.33 -11.33
N THR A 899 -1.77 2.26 -10.04
CA THR A 899 -2.69 2.77 -9.01
C THR A 899 -2.02 3.83 -8.20
N GLY A 900 -0.71 4.01 -8.33
CA GLY A 900 -0.02 5.10 -7.65
C GLY A 900 0.94 6.02 -8.42
N MET A 901 1.13 5.79 -9.73
CA MET A 901 1.95 6.66 -10.59
C MET A 901 1.27 7.82 -11.37
N PRO A 902 2.12 8.74 -11.91
CA PRO A 902 1.84 9.48 -13.16
C PRO A 902 1.29 8.53 -14.26
N GLN A 903 1.72 8.75 -15.51
CA GLN A 903 1.46 7.74 -16.53
C GLN A 903 2.54 6.65 -16.49
N LEU A 904 2.15 5.43 -16.92
CA LEU A 904 3.05 4.25 -16.99
C LEU A 904 2.78 3.34 -18.23
N THR A 905 3.88 2.90 -18.87
CA THR A 905 3.84 2.06 -20.09
C THR A 905 3.34 0.67 -19.75
N SER A 906 2.28 0.24 -20.46
CA SER A 906 1.79 -1.17 -20.40
C SER A 906 2.71 -2.13 -21.21
N LYS A 907 3.88 -1.62 -21.57
CA LYS A 907 5.06 -2.44 -21.78
C LYS A 907 6.17 -2.01 -20.80
N GLU A 908 6.90 -0.96 -21.15
CA GLU A 908 8.29 -0.74 -20.73
C GLU A 908 8.54 -0.35 -19.27
N ASP A 909 7.67 0.46 -18.69
CA ASP A 909 7.82 0.87 -17.29
C ASP A 909 7.71 -0.33 -16.37
N ILE A 910 6.65 -1.10 -16.55
CA ILE A 910 6.36 -2.31 -15.72
C ILE A 910 7.39 -3.39 -15.94
N GLU A 911 7.79 -3.56 -17.20
CA GLU A 911 8.82 -4.52 -17.63
C GLU A 911 10.21 -4.23 -17.04
N TYR A 912 10.38 -3.10 -16.34
CA TYR A 912 11.69 -2.82 -15.70
C TYR A 912 12.08 -3.99 -14.78
N ILE A 913 11.15 -4.36 -13.90
CA ILE A 913 11.36 -5.31 -12.79
C ILE A 913 11.62 -6.71 -13.27
N ARG A 914 11.10 -6.99 -14.44
CA ARG A 914 11.33 -8.22 -15.18
C ARG A 914 12.85 -8.42 -15.35
N ASP A 915 13.45 -7.40 -16.00
CA ASP A 915 14.85 -7.27 -16.23
C ASP A 915 15.65 -7.07 -14.95
N ALA A 916 15.12 -6.36 -13.97
CA ALA A 916 15.81 -6.26 -12.66
C ALA A 916 15.88 -7.60 -11.90
N LEU A 917 14.84 -8.42 -12.01
CA LEU A 917 14.78 -9.70 -11.26
C LEU A 917 15.40 -10.82 -12.09
N THR A 918 15.98 -10.40 -13.22
CA THR A 918 16.73 -11.23 -14.13
C THR A 918 16.02 -12.57 -14.39
N VAL A 919 14.78 -12.42 -14.88
CA VAL A 919 13.87 -13.52 -15.14
C VAL A 919 14.49 -14.44 -16.20
N GLY A 920 14.39 -15.74 -15.94
CA GLY A 920 14.80 -16.75 -16.91
C GLY A 920 16.31 -16.87 -16.88
N LYS A 921 16.86 -16.83 -15.67
CA LYS A 921 18.26 -17.09 -15.45
C LYS A 921 18.39 -18.23 -14.47
N ASN A 922 19.60 -18.76 -14.37
CA ASN A 922 19.92 -19.64 -13.29
C ASN A 922 20.55 -18.81 -12.19
N GLU A 923 20.59 -19.39 -11.01
CA GLU A 923 21.13 -18.71 -9.85
C GLU A 923 22.53 -18.16 -10.09
N GLU A 924 23.25 -18.78 -11.02
CA GLU A 924 24.61 -18.36 -11.41
C GLU A 924 24.63 -17.10 -12.22
N ASP A 925 23.94 -17.12 -13.37
CA ASP A 925 23.79 -15.92 -14.23
C ASP A 925 23.39 -14.67 -13.44
N ALA A 926 22.53 -14.85 -12.43
CA ALA A 926 22.00 -13.77 -11.56
C ALA A 926 23.04 -13.23 -10.54
N LYS A 927 23.71 -14.13 -9.82
CA LYS A 927 24.76 -13.73 -8.87
C LYS A 927 25.81 -12.87 -9.59
N LYS A 928 26.15 -13.30 -10.80
CA LYS A 928 27.06 -12.57 -11.64
C LYS A 928 26.54 -11.12 -11.83
N TYR A 929 25.41 -11.02 -12.55
CA TYR A 929 24.63 -9.78 -12.76
C TYR A 929 24.63 -8.82 -11.58
N PHE A 930 24.22 -9.30 -10.42
CA PHE A 930 24.20 -8.39 -9.29
C PHE A 930 25.59 -7.92 -8.85
N LEU A 931 26.58 -8.83 -8.90
CA LEU A 931 27.97 -8.46 -8.57
C LEU A 931 28.58 -7.47 -9.60
N ASP A 932 28.19 -7.63 -10.86
CA ASP A 932 28.40 -6.59 -11.91
C ASP A 932 27.89 -5.18 -11.58
N GLN A 933 26.70 -5.11 -10.98
CA GLN A 933 26.05 -3.85 -10.63
C GLN A 933 26.80 -3.24 -9.45
N ILE A 934 27.09 -4.07 -8.46
CA ILE A 934 27.95 -3.69 -7.35
C ILE A 934 29.21 -2.94 -7.85
N GLU A 935 29.70 -3.35 -9.02
CA GLU A 935 30.91 -2.80 -9.59
C GLU A 935 30.65 -1.45 -10.22
N VAL A 936 29.62 -1.36 -11.05
CA VAL A 936 29.28 -0.10 -11.70
C VAL A 936 29.39 1.07 -10.69
N CYS A 937 28.85 0.88 -9.48
CA CYS A 937 28.91 1.88 -8.38
C CYS A 937 30.30 2.20 -7.85
N ARG A 938 31.15 1.16 -7.79
CA ARG A 938 32.55 1.30 -7.42
C ARG A 938 33.35 2.01 -8.51
N ASP A 939 33.04 1.72 -9.78
CA ASP A 939 33.78 2.29 -10.90
C ASP A 939 33.47 3.78 -11.08
N LYS A 940 32.34 4.21 -10.53
CA LYS A 940 31.85 5.58 -10.68
C LYS A 940 32.00 6.41 -9.41
N GLY A 941 32.51 5.78 -8.37
CA GLY A 941 32.76 6.45 -7.08
C GLY A 941 31.77 7.54 -6.74
N TRP A 942 32.19 8.78 -6.93
CA TRP A 942 31.44 9.96 -6.52
C TRP A 942 30.80 10.72 -7.68
N THR A 943 30.87 10.16 -8.89
CA THR A 943 30.40 10.86 -10.08
C THR A 943 28.99 11.45 -9.95
N VAL A 944 28.01 10.56 -9.79
CA VAL A 944 26.60 10.93 -9.84
C VAL A 944 26.24 11.76 -8.61
N GLN A 945 26.86 11.42 -7.47
CA GLN A 945 26.73 12.27 -6.27
C GLN A 945 27.14 13.73 -6.52
N PHE A 946 28.26 13.92 -7.21
CA PHE A 946 28.77 15.25 -7.58
C PHE A 946 27.91 15.89 -8.70
N ASN A 947 27.55 15.06 -9.70
CA ASN A 947 26.69 15.45 -10.83
C ASN A 947 25.38 16.14 -10.51
N TRP A 948 25.09 16.25 -9.21
CA TRP A 948 23.93 16.95 -8.71
C TRP A 948 24.29 18.43 -8.36
N PHE A 949 23.39 19.32 -8.78
CA PHE A 949 23.40 20.76 -8.40
C PHE A 949 22.14 21.49 -8.91
S SO4 B . 9.47 -22.59 15.78
O1 SO4 B . 9.52 -23.71 16.74
O2 SO4 B . 9.20 -23.02 14.39
O3 SO4 B . 8.39 -21.72 16.34
O4 SO4 B . 10.74 -21.89 15.72
C12 O92 C . 16.65 15.78 8.51
C12 O92 C . 16.71 15.78 8.53
N3 O92 C . 15.68 14.68 8.59
N3 O92 C . 15.71 14.70 8.61
C6 O92 C . 15.65 13.85 9.65
C6 O92 C . 15.73 13.78 9.61
O1 O92 C . 16.41 13.91 10.63
O1 O92 C . 16.62 13.74 10.52
C4 O92 C . 14.56 12.75 9.57
C4 O92 C . 14.62 12.73 9.51
N2 O92 C . 13.89 12.64 8.42
N2 O92 C . 13.95 12.62 8.36
C3 O92 C . 14.27 11.86 10.62
C3 O92 C . 14.32 11.84 10.57
N4 O92 C . 14.92 11.94 11.78
N4 O92 C . 14.98 11.92 11.73
N1 O92 C . 13.29 10.93 10.45
N1 O92 C . 13.33 10.92 10.41
C2 O92 C . 12.63 10.84 9.30
C2 O92 C . 12.66 10.84 9.26
C1 O92 C . 12.94 11.72 8.25
C1 O92 C . 12.97 11.71 8.21
C5 O92 C . 12.29 11.71 7.01
C5 O92 C . 12.32 11.70 6.97
C11 O92 C . 12.09 12.93 6.33
C11 O92 C . 12.08 12.91 6.29
C7 O92 C . 11.86 10.51 6.45
C7 O92 C . 11.89 10.50 6.41
C8 O92 C . 11.23 10.54 5.22
C8 O92 C . 11.25 10.52 5.19
C9 O92 C . 11.02 11.75 4.54
C9 O92 C . 11.01 11.72 4.51
CL1 O92 C . 10.22 11.70 3.02
CL1 O92 C . 10.19 11.66 3.01
C10 O92 C . 11.45 12.97 5.09
C10 O92 C . 11.42 12.95 5.05
S1 O92 C . 11.22 14.59 4.25
S1 O92 C . 11.15 14.54 4.16
O2 O92 C . 12.06 14.67 2.99
O2 O92 C . 11.88 14.56 2.83
O3 O92 C . 9.79 14.79 3.86
O3 O92 C . 9.71 14.78 3.87
N5 O92 C . 11.68 15.71 5.32
N5 O92 C . 11.81 15.65 5.11
C14 O92 C . 12.90 16.28 5.30
C14 O92 C . 13.14 15.84 5.09
C17 O92 C . 12.96 17.65 5.71
C17 O92 C . 14.05 14.89 4.61
C18 O92 C . 14.21 18.42 5.75
C18 O92 C . 15.43 15.11 4.59
C15 O92 C . 15.35 17.76 5.34
C15 O92 C . 15.91 16.33 5.07
C16 O92 C . 15.31 16.42 4.92
C16 O92 C . 15.01 17.31 5.54
F2 O92 C . 16.43 15.79 4.52
F2 O92 C . 15.46 18.49 6.00
C13 O92 C . 14.11 15.70 4.90
C13 O92 C . 13.64 17.06 5.55
F1 O92 C . 14.19 14.42 4.47
F1 O92 C . 12.75 17.97 5.99
#